data_8IWT
#
_entry.id   8IWT
#
_cell.length_a   1.00
_cell.length_b   1.00
_cell.length_c   1.00
_cell.angle_alpha   90.00
_cell.angle_beta   90.00
_cell.angle_gamma   90.00
#
_symmetry.space_group_name_H-M   'P 1'
#
loop_
_entity.id
_entity.type
_entity.pdbx_description
1 polymer 'Calcium-transporting ATPase type 2C member 1'
2 non-polymer 'BERYLLIUM TRIFLUORIDE ION'
3 non-polymer 'MAGNESIUM ION'
#
_entity_poly.entity_id   1
_entity_poly.type   'polypeptide(L)'
_entity_poly.pdbx_seq_one_letter_code
;MKVARFQKIPNGENETMIPVLTSKKASELPVSEVASILQADLQNGLNKCEVSHRRAFHGWNEFDISEDEPLWKKYISQFK
NPLIMLLLASAVISVLMHQFDDAVSITVAILIVVTVAFVQEYRSEKSLEELSKLVPPECHCVREGKLEHTLARDLVPGDT
VCLSVGDRVPADLRLFEAVDLSIDESSLTGETTPCSKVTAPQPAATNGDLASRSNIAFMGTLVRCGKAKGVVIGTGENSE
FGEVFKMMQAEEAPKTPLQKSMDLLGKQLSFYSFGIIGIIMLVGWLLGKDILEMFTISVSLAVAAIPEGLPIVVTVTLAL
GVMRMVKKRAIVKKLPIVETLGCCNVICSDKTGTLTKNEMTVTHIFTSDGLHAEVTGVGYNQFGEVIVDGDVVHGFYNPA
VSRIVEAGCVCNDAVIRNNTLMGKPTEGALIALAMKMGLDGLQQDYIRKAEYPFSSEQKWMAVKCVHRTQQDRPEICFMK
GAYEQVIKYCTTYQSKGQTLTLTQQQRDVYQQEKARMGSAGLRVLALASGPELGQLTFLGLVGIIDPPRTGVKEAVTTLI
ASGVSIKMITGDSQETAVAIASRLGLYSKTSQSVSGEEIDAMDVQQLSQIVPKVAVFYRASPRHKMKIIKSLQKNGSVVA
MTGDGVNDAVALKAADIGVAMGQTGTDVCKEAADMILVDDDFQTIMSAIEEGKGIYNNIKNFVRFQLSTSIAALTLISLA
TLMNFPNPLNAMQILWINIIMDGPPAQSLGVEPVDKDVIRKPPRNWKDSILTKNLILKILVSSIIIVCGTLFVFWRELRD
NVITPRDTTMTFTCFVFFDMFNALSSRSQTKSVFEIGLCSNRMFCYAVLGSIMGQLLVIYFPPLQKVFQTESLSILDLLF
LLGLTSSVCIVAEIIKKVERSREKIQKHVSSTSSSFLEV
;
_entity_poly.pdbx_strand_id   A
#
loop_
_chem_comp.id
_chem_comp.type
_chem_comp.name
_chem_comp.formula
BEF non-polymer 'BERYLLIUM TRIFLUORIDE ION' 'Be F3 -1'
MG non-polymer 'MAGNESIUM ION' 'Mg 2'
#
# COMPACT_ATOMS: atom_id res chain seq x y z
N GLU A 15 33.51 21.65 -24.70
CA GLU A 15 34.00 22.60 -23.70
C GLU A 15 32.84 23.23 -22.94
N THR A 16 33.16 24.24 -22.13
CA THR A 16 32.21 24.99 -21.30
C THR A 16 31.55 24.09 -20.26
N MET A 17 32.10 22.89 -20.04
CA MET A 17 31.61 21.92 -19.07
C MET A 17 30.21 21.43 -19.41
N ILE A 18 29.72 21.78 -20.60
CA ILE A 18 28.45 21.32 -21.16
C ILE A 18 27.36 21.60 -20.14
N PRO A 19 26.89 22.86 -20.04
CA PRO A 19 25.80 23.16 -19.10
C PRO A 19 24.52 22.43 -19.50
N VAL A 20 23.91 21.76 -18.53
CA VAL A 20 22.77 20.89 -18.80
C VAL A 20 21.57 21.76 -19.15
N LEU A 21 20.88 21.40 -20.22
CA LEU A 21 19.67 22.12 -20.62
C LEU A 21 18.43 21.40 -20.11
N THR A 22 17.59 22.15 -19.42
CA THR A 22 16.31 21.64 -18.94
C THR A 22 15.36 21.41 -20.10
N SER A 23 14.38 20.53 -19.89
CA SER A 23 13.40 20.26 -20.94
C SER A 23 12.63 21.51 -21.32
N LYS A 24 12.41 22.42 -20.37
CA LYS A 24 11.75 23.68 -20.66
C LYS A 24 12.53 24.48 -21.70
N LYS A 25 13.77 24.85 -21.38
CA LYS A 25 14.57 25.66 -22.28
C LYS A 25 14.83 24.92 -23.59
N ALA A 26 15.14 23.62 -23.51
CA ALA A 26 15.35 22.85 -24.74
C ALA A 26 14.12 22.87 -25.64
N SER A 27 12.92 22.84 -25.04
CA SER A 27 11.70 22.99 -25.83
C SER A 27 11.59 24.39 -26.43
N GLU A 28 11.95 25.43 -25.66
CA GLU A 28 11.84 26.79 -26.20
C GLU A 28 12.82 27.06 -27.34
N LEU A 29 14.10 26.74 -27.17
CA LEU A 29 15.06 27.03 -28.21
C LEU A 29 14.90 26.07 -29.39
N PRO A 30 15.22 26.52 -30.60
CA PRO A 30 15.10 25.63 -31.77
C PRO A 30 16.17 24.54 -31.74
N VAL A 31 16.10 23.64 -32.71
CA VAL A 31 17.05 22.53 -32.80
C VAL A 31 18.46 23.05 -33.01
N SER A 32 18.63 24.02 -33.91
CA SER A 32 19.97 24.52 -34.22
C SER A 32 20.61 25.18 -33.00
N GLU A 33 19.84 25.98 -32.25
CA GLU A 33 20.39 26.63 -31.07
C GLU A 33 20.79 25.62 -30.00
N VAL A 34 19.95 24.60 -29.79
CA VAL A 34 20.26 23.57 -28.81
C VAL A 34 21.53 22.81 -29.22
N ALA A 35 21.63 22.48 -30.50
CA ALA A 35 22.81 21.77 -30.99
C ALA A 35 24.07 22.62 -30.83
N SER A 36 23.97 23.92 -31.13
CA SER A 36 25.12 24.81 -30.97
C SER A 36 25.52 24.93 -29.50
N ILE A 37 24.55 25.04 -28.61
CA ILE A 37 24.85 25.15 -27.18
C ILE A 37 25.51 23.86 -26.68
N LEU A 38 24.97 22.71 -27.09
CA LEU A 38 25.49 21.42 -26.66
C LEU A 38 26.70 20.97 -27.49
N GLN A 39 27.04 21.69 -28.55
CA GLN A 39 28.16 21.34 -29.43
C GLN A 39 28.02 19.90 -29.93
N ALA A 40 26.80 19.55 -30.32
CA ALA A 40 26.46 18.19 -30.72
C ALA A 40 26.42 18.10 -32.25
N ASP A 41 27.04 17.06 -32.79
CA ASP A 41 27.01 16.78 -34.21
C ASP A 41 25.80 15.90 -34.49
N LEU A 42 24.80 16.46 -35.18
CA LEU A 42 23.56 15.74 -35.43
C LEU A 42 23.76 14.52 -36.33
N GLN A 43 24.61 14.62 -37.36
CA GLN A 43 24.80 13.53 -38.31
C GLN A 43 25.92 12.59 -37.92
N ASN A 44 27.11 13.12 -37.66
CA ASN A 44 28.28 12.29 -37.36
C ASN A 44 28.36 11.85 -35.90
N GLY A 45 27.55 12.44 -35.03
CA GLY A 45 27.57 12.04 -33.63
C GLY A 45 28.81 12.53 -32.90
N LEU A 46 29.03 11.94 -31.74
CA LEU A 46 30.15 12.30 -30.88
C LEU A 46 31.29 11.28 -31.01
N ASN A 47 32.49 11.74 -30.70
CA ASN A 47 33.67 10.88 -30.71
C ASN A 47 33.86 10.30 -29.31
N LYS A 48 34.69 9.25 -29.18
CA LYS A 48 34.93 8.60 -27.91
C LYS A 48 35.64 9.48 -26.90
N CYS A 49 36.61 10.28 -27.34
CA CYS A 49 37.34 11.14 -26.41
C CYS A 49 36.43 12.19 -25.79
N GLU A 50 35.59 12.82 -26.61
CA GLU A 50 34.66 13.82 -26.09
C GLU A 50 33.63 13.18 -25.16
N VAL A 51 33.17 11.98 -25.50
CA VAL A 51 32.22 11.27 -24.65
C VAL A 51 32.83 10.97 -23.30
N SER A 52 34.08 10.50 -23.29
CA SER A 52 34.77 10.23 -22.02
C SER A 52 34.99 11.52 -21.23
N HIS A 53 35.35 12.60 -21.91
CA HIS A 53 35.57 13.87 -21.22
C HIS A 53 34.29 14.37 -20.57
N ARG A 54 33.17 14.28 -21.28
CA ARG A 54 31.88 14.68 -20.73
C ARG A 54 31.39 13.74 -19.63
N ARG A 55 31.68 12.45 -19.72
CA ARG A 55 31.35 11.50 -18.67
C ARG A 55 32.18 11.67 -17.43
N ALA A 56 33.41 12.20 -17.56
CA ALA A 56 34.24 12.42 -16.38
C ALA A 56 33.61 13.41 -15.41
N PHE A 57 32.86 14.39 -15.92
CA PHE A 57 32.20 15.38 -15.07
C PHE A 57 30.77 14.95 -14.75
N HIS A 58 29.94 14.75 -15.77
CA HIS A 58 28.52 14.46 -15.55
C HIS A 58 28.29 13.05 -15.02
N GLY A 59 29.28 12.17 -15.09
CA GLY A 59 29.12 10.82 -14.58
C GLY A 59 28.28 9.95 -15.49
N TRP A 60 27.82 8.84 -14.91
CA TRP A 60 27.01 7.86 -15.64
C TRP A 60 25.53 8.25 -15.58
N ASN A 61 24.74 7.59 -16.42
CA ASN A 61 23.30 7.80 -16.44
C ASN A 61 22.63 7.00 -15.33
N GLU A 62 22.99 7.30 -14.08
CA GLU A 62 22.43 6.63 -12.91
C GLU A 62 22.21 7.65 -11.81
N PHE A 63 21.28 7.33 -10.93
CA PHE A 63 21.11 8.05 -9.68
C PHE A 63 20.94 7.04 -8.56
N ASP A 64 21.51 7.37 -7.40
CA ASP A 64 21.56 6.45 -6.26
C ASP A 64 20.15 6.22 -5.75
N ILE A 65 19.72 4.95 -5.73
CA ILE A 65 18.41 4.58 -5.23
C ILE A 65 18.58 3.67 -4.03
N SER A 66 17.88 3.98 -2.93
CA SER A 66 17.94 3.19 -1.71
C SER A 66 19.36 3.09 -1.18
N GLU A 67 19.95 4.22 -0.79
CA GLU A 67 21.28 4.25 -0.19
C GLU A 67 21.19 3.51 1.15
N ASP A 68 21.76 2.31 1.19
CA ASP A 68 21.62 1.42 2.34
C ASP A 68 22.82 1.59 3.26
N GLU A 69 22.56 1.97 4.51
CA GLU A 69 23.59 2.06 5.52
C GLU A 69 23.92 0.68 6.08
N PRO A 70 25.10 0.52 6.67
CA PRO A 70 25.45 -0.77 7.27
C PRO A 70 24.46 -1.17 8.35
N LEU A 71 24.54 -2.44 8.76
CA LEU A 71 23.58 -3.01 9.69
C LEU A 71 23.63 -2.35 11.06
N TRP A 72 24.77 -1.81 11.46
CA TRP A 72 24.86 -1.17 12.78
C TRP A 72 23.99 0.09 12.83
N LYS A 73 23.92 0.83 11.73
CA LYS A 73 23.04 2.00 11.69
C LYS A 73 21.57 1.61 11.83
N LYS A 74 21.15 0.53 11.17
CA LYS A 74 19.78 0.06 11.34
C LYS A 74 19.54 -0.43 12.77
N TYR A 75 20.55 -1.07 13.37
CA TYR A 75 20.44 -1.51 14.75
C TYR A 75 20.24 -0.31 15.68
N ILE A 76 21.00 0.76 15.48
CA ILE A 76 20.85 1.95 16.30
C ILE A 76 19.48 2.59 16.06
N SER A 77 19.03 2.63 14.81
CA SER A 77 17.73 3.21 14.50
C SER A 77 16.60 2.45 15.19
N GLN A 78 16.66 1.12 15.18
CA GLN A 78 15.68 0.32 15.90
C GLN A 78 15.82 0.51 17.41
N PHE A 79 17.05 0.73 17.88
CA PHE A 79 17.27 0.99 19.30
C PHE A 79 16.64 2.31 19.74
N LYS A 80 16.58 3.29 18.84
CA LYS A 80 16.05 4.62 19.15
C LYS A 80 14.53 4.55 19.21
N ASN A 81 14.00 4.42 20.44
CA ASN A 81 12.57 4.43 20.70
C ASN A 81 12.36 4.95 22.11
N PRO A 82 11.39 5.86 22.31
CA PRO A 82 11.21 6.43 23.65
C PRO A 82 10.93 5.39 24.73
N LEU A 83 10.15 4.35 24.40
CA LEU A 83 9.95 3.26 25.35
C LEU A 83 11.26 2.56 25.65
N ILE A 84 12.10 2.36 24.63
CA ILE A 84 13.40 1.74 24.83
C ILE A 84 14.29 2.62 25.71
N MET A 85 14.25 3.94 25.48
CA MET A 85 15.03 4.85 26.32
C MET A 85 14.56 4.79 27.77
N LEU A 86 13.24 4.70 27.99
CA LEU A 86 12.73 4.53 29.34
C LEU A 86 13.20 3.21 29.94
N LEU A 87 13.26 2.16 29.13
CA LEU A 87 13.74 0.87 29.61
C LEU A 87 15.19 0.95 30.07
N LEU A 88 16.06 1.58 29.26
CA LEU A 88 17.45 1.75 29.72
C LEU A 88 17.55 2.65 30.93
N ALA A 89 16.73 3.70 31.02
CA ALA A 89 16.74 4.54 32.22
C ALA A 89 16.41 3.72 33.46
N SER A 90 15.36 2.91 33.38
CA SER A 90 15.00 2.05 34.50
C SER A 90 16.10 1.04 34.80
N ALA A 91 16.74 0.51 33.76
CA ALA A 91 17.82 -0.46 33.96
C ALA A 91 18.98 0.17 34.73
N VAL A 92 19.38 1.38 34.35
CA VAL A 92 20.50 2.02 35.05
C VAL A 92 20.11 2.41 36.47
N ILE A 93 18.89 2.92 36.69
CA ILE A 93 18.49 3.26 38.06
C ILE A 93 18.36 2.03 38.94
N SER A 94 18.00 0.87 38.37
CA SER A 94 18.07 -0.37 39.13
C SER A 94 19.51 -0.81 39.37
N VAL A 95 20.41 -0.54 38.41
CA VAL A 95 21.81 -0.90 38.56
C VAL A 95 22.44 -0.13 39.73
N LEU A 96 22.11 1.16 39.85
CA LEU A 96 22.65 1.95 40.97
C LEU A 96 22.19 1.42 42.32
N MET A 97 21.07 0.70 42.38
CA MET A 97 20.59 0.10 43.63
C MET A 97 20.77 -1.42 43.65
N HIS A 98 21.65 -1.97 42.81
CA HIS A 98 22.02 -3.38 42.85
C HIS A 98 20.82 -4.30 42.65
N GLN A 99 19.98 -3.97 41.67
CA GLN A 99 18.87 -4.82 41.26
C GLN A 99 19.30 -5.55 39.99
N PHE A 100 19.98 -6.68 40.17
CA PHE A 100 20.56 -7.39 39.02
C PHE A 100 19.48 -8.08 38.20
N ASP A 101 18.48 -8.69 38.86
CA ASP A 101 17.45 -9.41 38.12
C ASP A 101 16.64 -8.48 37.23
N ASP A 102 16.26 -7.31 37.75
CA ASP A 102 15.49 -6.36 36.94
C ASP A 102 16.30 -5.88 35.74
N ALA A 103 17.58 -5.55 35.95
CA ALA A 103 18.42 -5.10 34.86
C ALA A 103 18.59 -6.20 33.81
N VAL A 104 18.78 -7.44 34.24
CA VAL A 104 18.90 -8.55 33.31
C VAL A 104 17.63 -8.72 32.50
N SER A 105 16.47 -8.63 33.16
CA SER A 105 15.20 -8.76 32.44
C SER A 105 15.03 -7.63 31.43
N ILE A 106 15.36 -6.39 31.82
CA ILE A 106 15.20 -5.26 30.91
C ILE A 106 16.13 -5.40 29.71
N THR A 107 17.39 -5.77 29.94
CA THR A 107 18.32 -5.89 28.81
C THR A 107 17.96 -7.08 27.92
N VAL A 108 17.44 -8.16 28.49
CA VAL A 108 17.00 -9.29 27.67
C VAL A 108 15.81 -8.87 26.80
N ALA A 109 14.85 -8.14 27.39
CA ALA A 109 13.71 -7.67 26.61
C ALA A 109 14.14 -6.74 25.50
N ILE A 110 15.06 -5.82 25.79
CA ILE A 110 15.53 -4.88 24.78
C ILE A 110 16.25 -5.62 23.66
N LEU A 111 17.13 -6.57 24.01
CA LEU A 111 17.85 -7.33 23.01
C LEU A 111 16.89 -8.12 22.13
N ILE A 112 15.88 -8.76 22.74
CA ILE A 112 14.92 -9.54 21.97
C ILE A 112 14.14 -8.64 21.02
N VAL A 113 13.68 -7.48 21.50
CA VAL A 113 12.88 -6.59 20.68
C VAL A 113 13.71 -6.07 19.49
N VAL A 114 14.92 -5.59 19.76
CA VAL A 114 15.72 -5.05 18.67
C VAL A 114 16.17 -6.15 17.70
N THR A 115 16.43 -7.36 18.20
CA THR A 115 16.80 -8.46 17.31
C THR A 115 15.64 -8.84 16.40
N VAL A 116 14.43 -8.92 16.96
CA VAL A 116 13.27 -9.25 16.14
C VAL A 116 13.02 -8.17 15.10
N ALA A 117 13.10 -6.89 15.50
CA ALA A 117 12.88 -5.81 14.55
C ALA A 117 13.92 -5.82 13.44
N PHE A 118 15.20 -6.01 13.80
CA PHE A 118 16.26 -6.04 12.79
C PHE A 118 16.09 -7.22 11.85
N VAL A 119 15.75 -8.39 12.38
CA VAL A 119 15.55 -9.57 11.53
C VAL A 119 14.39 -9.33 10.57
N GLN A 120 13.28 -8.79 11.06
CA GLN A 120 12.13 -8.55 10.20
C GLN A 120 12.46 -7.53 9.11
N GLU A 121 13.16 -6.45 9.47
CA GLU A 121 13.51 -5.44 8.47
C GLU A 121 14.50 -5.98 7.45
N TYR A 122 15.47 -6.79 7.90
CA TYR A 122 16.42 -7.39 6.98
C TYR A 122 15.74 -8.35 6.01
N ARG A 123 14.80 -9.16 6.52
CA ARG A 123 14.06 -10.07 5.64
C ARG A 123 13.21 -9.29 4.65
N SER A 124 12.56 -8.22 5.10
CA SER A 124 11.76 -7.40 4.19
C SER A 124 12.63 -6.76 3.11
N GLU A 125 13.81 -6.26 3.49
CA GLU A 125 14.71 -5.66 2.51
C GLU A 125 15.21 -6.69 1.51
N LYS A 126 15.54 -7.89 1.97
CA LYS A 126 15.97 -8.94 1.05
C LYS A 126 14.85 -9.34 0.10
N SER A 127 13.61 -9.44 0.61
CA SER A 127 12.48 -9.78 -0.25
C SER A 127 12.24 -8.68 -1.28
N LEU A 128 12.35 -7.42 -0.88
CA LEU A 128 12.19 -6.31 -1.83
C LEU A 128 13.27 -6.34 -2.89
N GLU A 129 14.52 -6.60 -2.49
CA GLU A 129 15.62 -6.66 -3.46
C GLU A 129 15.43 -7.81 -4.44
N GLU A 130 15.00 -8.98 -3.94
CA GLU A 130 14.82 -10.14 -4.82
C GLU A 130 13.63 -9.98 -5.75
N LEU A 131 12.52 -9.40 -5.26
CA LEU A 131 11.33 -9.24 -6.10
C LEU A 131 11.60 -8.28 -7.25
N SER A 132 12.32 -7.20 -6.99
CA SER A 132 12.60 -6.18 -8.01
C SER A 132 13.86 -6.60 -8.77
N LYS A 133 13.66 -7.27 -9.90
CA LYS A 133 14.76 -7.68 -10.77
C LYS A 133 14.82 -6.72 -11.95
N LEU A 134 15.98 -6.08 -12.13
CA LEU A 134 16.17 -5.07 -13.16
C LEU A 134 17.24 -5.51 -14.14
N VAL A 135 16.94 -5.37 -15.43
CA VAL A 135 17.87 -5.65 -16.51
C VAL A 135 18.47 -4.32 -16.96
N PRO A 136 19.77 -4.24 -17.19
CA PRO A 136 20.38 -2.99 -17.64
C PRO A 136 19.85 -2.60 -19.01
N PRO A 137 19.18 -1.45 -19.12
CA PRO A 137 18.63 -1.02 -20.41
C PRO A 137 19.71 -0.59 -21.39
N GLU A 138 19.41 -0.76 -22.67
CA GLU A 138 20.31 -0.36 -23.75
C GLU A 138 19.78 0.89 -24.44
N CYS A 139 20.60 1.45 -25.33
CA CYS A 139 20.23 2.67 -26.05
C CYS A 139 20.84 2.59 -27.45
N HIS A 140 20.10 3.11 -28.44
CA HIS A 140 20.58 3.18 -29.81
C HIS A 140 21.07 4.59 -30.12
N CYS A 141 22.38 4.74 -30.24
CA CYS A 141 22.99 6.04 -30.51
C CYS A 141 24.03 5.92 -31.61
N VAL A 142 24.32 7.04 -32.26
CA VAL A 142 25.30 7.08 -33.34
C VAL A 142 26.54 7.82 -32.84
N ARG A 143 27.71 7.28 -33.15
CA ARG A 143 28.99 7.88 -32.78
C ARG A 143 29.94 7.71 -33.96
N GLU A 144 30.69 8.78 -34.25
CA GLU A 144 31.69 8.79 -35.34
C GLU A 144 31.00 8.74 -36.70
N GLY A 145 29.67 8.60 -36.69
CA GLY A 145 28.89 8.50 -37.90
C GLY A 145 28.36 7.12 -38.21
N LYS A 146 28.53 6.15 -37.31
CA LYS A 146 28.06 4.79 -37.50
C LYS A 146 27.30 4.34 -36.26
N LEU A 147 26.17 3.66 -36.48
CA LEU A 147 25.25 3.31 -35.41
C LEU A 147 25.78 2.09 -34.66
N GLU A 148 26.02 2.26 -33.36
CA GLU A 148 26.43 1.16 -32.49
C GLU A 148 25.65 1.25 -31.19
N HIS A 149 25.31 0.08 -30.63
CA HIS A 149 24.44 -0.01 -29.47
C HIS A 149 25.26 0.07 -28.20
N THR A 150 24.97 1.08 -27.37
CA THR A 150 25.60 1.25 -26.07
C THR A 150 24.57 1.00 -24.98
N LEU A 151 25.07 0.79 -23.76
CA LEU A 151 24.19 0.73 -22.60
C LEU A 151 23.66 2.12 -22.29
N ALA A 152 22.52 2.17 -21.60
CA ALA A 152 21.93 3.46 -21.25
C ALA A 152 22.82 4.28 -20.32
N ARG A 153 23.70 3.61 -19.56
CA ARG A 153 24.59 4.32 -18.64
C ARG A 153 25.63 5.16 -19.36
N ASP A 154 26.04 4.76 -20.56
CA ASP A 154 27.13 5.43 -21.27
C ASP A 154 26.72 6.74 -21.91
N LEU A 155 25.44 7.11 -21.87
CA LEU A 155 24.99 8.31 -22.56
C LEU A 155 25.56 9.57 -21.93
N VAL A 156 25.93 10.52 -22.78
CA VAL A 156 26.40 11.83 -22.35
C VAL A 156 25.64 12.88 -23.14
N PRO A 157 25.53 14.11 -22.61
CA PRO A 157 24.82 15.16 -23.35
C PRO A 157 25.46 15.42 -24.71
N GLY A 158 24.61 15.67 -25.71
CA GLY A 158 25.06 15.84 -27.07
C GLY A 158 25.01 14.59 -27.93
N ASP A 159 24.80 13.43 -27.33
CA ASP A 159 24.69 12.19 -28.10
C ASP A 159 23.38 12.16 -28.88
N THR A 160 23.46 11.69 -30.13
CA THR A 160 22.28 11.52 -30.98
C THR A 160 21.74 10.12 -30.77
N VAL A 161 20.49 10.03 -30.29
CA VAL A 161 19.87 8.77 -29.94
C VAL A 161 18.75 8.47 -30.93
N CYS A 162 18.77 7.27 -31.49
CA CYS A 162 17.76 6.81 -32.43
C CYS A 162 16.69 6.02 -31.69
N LEU A 163 15.43 6.37 -31.92
CA LEU A 163 14.30 5.72 -31.26
C LEU A 163 13.50 4.94 -32.29
N SER A 164 13.16 3.69 -31.96
CA SER A 164 12.41 2.82 -32.84
C SER A 164 11.15 2.33 -32.13
N VAL A 165 10.39 1.48 -32.82
CA VAL A 165 9.16 0.93 -32.25
C VAL A 165 9.52 -0.04 -31.13
N GLY A 166 8.88 0.15 -29.98
CA GLY A 166 9.13 -0.68 -28.82
C GLY A 166 10.32 -0.25 -27.98
N ASP A 167 11.05 0.76 -28.41
CA ASP A 167 12.22 1.22 -27.67
C ASP A 167 11.80 2.01 -26.45
N ARG A 168 12.60 1.90 -25.39
CA ARG A 168 12.42 2.66 -24.15
C ARG A 168 13.40 3.83 -24.18
N VAL A 169 12.89 5.03 -23.93
CA VAL A 169 13.72 6.23 -23.98
C VAL A 169 14.67 6.22 -22.79
N PRO A 170 15.99 6.25 -23.03
CA PRO A 170 16.94 6.14 -21.92
C PRO A 170 17.22 7.46 -21.22
N ALA A 171 17.10 8.57 -21.94
CA ALA A 171 17.41 9.88 -21.39
C ALA A 171 16.61 10.93 -22.15
N ASP A 172 16.58 12.14 -21.58
CA ASP A 172 15.85 13.24 -22.21
C ASP A 172 16.50 13.58 -23.54
N LEU A 173 15.67 13.70 -24.58
CA LEU A 173 16.14 13.94 -25.94
C LEU A 173 15.41 15.14 -26.53
N ARG A 174 16.14 15.98 -27.25
CA ARG A 174 15.55 17.05 -28.04
C ARG A 174 15.34 16.54 -29.47
N LEU A 175 14.10 16.26 -29.82
CA LEU A 175 13.82 15.62 -31.10
C LEU A 175 14.02 16.59 -32.26
N PHE A 176 14.74 16.15 -33.27
CA PHE A 176 14.91 16.90 -34.52
C PHE A 176 14.40 16.15 -35.74
N GLU A 177 14.37 14.82 -35.71
CA GLU A 177 13.79 14.02 -36.77
C GLU A 177 12.78 13.06 -36.16
N ALA A 178 11.54 13.09 -36.65
CA ALA A 178 10.49 12.21 -36.16
C ALA A 178 9.38 12.13 -37.18
N VAL A 179 8.96 10.90 -37.51
CA VAL A 179 7.85 10.66 -38.42
C VAL A 179 6.82 9.82 -37.66
N ASP A 180 5.58 10.33 -37.59
CA ASP A 180 4.45 9.62 -36.97
C ASP A 180 4.81 9.03 -35.61
N LEU A 181 5.57 9.77 -34.82
CA LEU A 181 6.07 9.24 -33.55
C LEU A 181 4.97 9.31 -32.49
N SER A 182 4.77 8.20 -31.79
CA SER A 182 3.83 8.12 -30.67
C SER A 182 4.57 7.55 -29.48
N ILE A 183 4.56 8.29 -28.37
CA ILE A 183 5.27 7.91 -27.15
C ILE A 183 4.25 7.73 -26.03
N ASP A 184 4.32 6.60 -25.35
CA ASP A 184 3.43 6.31 -24.22
C ASP A 184 4.02 6.96 -22.98
N GLU A 185 3.38 8.04 -22.52
CA GLU A 185 3.85 8.79 -21.36
C GLU A 185 2.99 8.55 -20.12
N SER A 186 2.32 7.40 -20.04
CA SER A 186 1.50 7.11 -18.87
C SER A 186 2.35 6.94 -17.62
N SER A 187 3.60 6.51 -17.79
CA SER A 187 4.49 6.34 -16.64
C SER A 187 4.80 7.69 -15.99
N LEU A 188 5.01 8.73 -16.80
CA LEU A 188 5.36 10.04 -16.29
C LEU A 188 4.17 10.94 -16.05
N THR A 189 3.22 10.99 -16.99
CA THR A 189 2.09 11.90 -16.90
C THR A 189 0.76 11.22 -16.56
N GLY A 190 0.67 9.91 -16.71
CA GLY A 190 -0.56 9.21 -16.42
C GLY A 190 -1.58 9.23 -17.54
N GLU A 191 -1.23 9.75 -18.71
CA GLU A 191 -2.15 9.82 -19.85
C GLU A 191 -2.17 8.47 -20.55
N THR A 192 -3.36 7.87 -20.63
CA THR A 192 -3.49 6.59 -21.31
C THR A 192 -3.24 6.71 -22.81
N THR A 193 -3.66 7.82 -23.42
CA THR A 193 -3.46 8.02 -24.86
C THR A 193 -2.03 8.45 -25.14
N PRO A 194 -1.31 7.76 -26.02
CA PRO A 194 0.05 8.19 -26.36
C PRO A 194 0.06 9.58 -26.95
N CYS A 195 1.10 10.35 -26.61
CA CYS A 195 1.21 11.73 -27.06
C CYS A 195 2.02 11.82 -28.34
N SER A 196 1.44 12.47 -29.35
CA SER A 196 2.12 12.69 -30.61
C SER A 196 3.28 13.66 -30.41
N LYS A 197 4.38 13.44 -31.11
CA LYS A 197 5.58 14.24 -30.97
C LYS A 197 5.88 14.98 -32.26
N VAL A 198 6.16 16.29 -32.12
CA VAL A 198 6.48 17.15 -33.25
C VAL A 198 7.83 17.81 -32.98
N THR A 199 8.61 17.95 -34.05
CA THR A 199 9.95 18.51 -33.96
C THR A 199 9.96 20.03 -33.91
N ALA A 200 8.82 20.68 -34.11
CA ALA A 200 8.78 22.13 -34.08
C ALA A 200 8.95 22.64 -32.64
N PRO A 201 9.58 23.80 -32.47
CA PRO A 201 9.70 24.36 -31.12
C PRO A 201 8.35 24.76 -30.55
N GLN A 202 8.23 24.70 -29.23
CA GLN A 202 6.95 25.00 -28.61
C GLN A 202 6.94 26.40 -28.02
N PRO A 203 5.82 27.11 -28.12
CA PRO A 203 5.73 28.45 -27.52
C PRO A 203 5.79 28.38 -26.00
N ALA A 204 6.29 29.45 -25.39
CA ALA A 204 6.43 29.49 -23.94
C ALA A 204 5.07 29.52 -23.25
N ALA A 205 4.06 30.11 -23.89
CA ALA A 205 2.74 30.20 -23.26
C ALA A 205 2.11 28.84 -23.07
N THR A 206 2.25 27.93 -24.04
CA THR A 206 1.67 26.60 -23.97
C THR A 206 2.63 25.57 -23.41
N ASN A 207 3.81 25.97 -22.95
CA ASN A 207 4.83 25.06 -22.47
C ASN A 207 4.77 24.84 -20.96
N GLY A 208 3.69 25.30 -20.31
CA GLY A 208 3.62 25.19 -18.86
C GLY A 208 3.53 23.75 -18.37
N ASP A 209 2.72 22.93 -19.03
CA ASP A 209 2.44 21.57 -18.59
C ASP A 209 3.45 20.59 -19.19
N LEU A 210 3.68 19.50 -18.45
CA LEU A 210 4.60 18.47 -18.93
C LEU A 210 4.04 17.78 -20.17
N ALA A 211 2.73 17.49 -20.19
CA ALA A 211 2.13 16.78 -21.32
C ALA A 211 2.14 17.61 -22.60
N SER A 212 2.27 18.93 -22.49
CA SER A 212 2.29 19.80 -23.66
C SER A 212 3.67 19.86 -24.33
N ARG A 213 4.70 19.29 -23.70
CA ARG A 213 6.05 19.29 -24.27
C ARG A 213 6.15 18.17 -25.31
N SER A 214 5.63 18.45 -26.50
CA SER A 214 5.59 17.47 -27.57
C SER A 214 6.91 17.37 -28.33
N ASN A 215 7.86 18.26 -28.08
CA ASN A 215 9.16 18.21 -28.74
C ASN A 215 10.26 17.69 -27.83
N ILE A 216 9.90 17.15 -26.67
CA ILE A 216 10.86 16.59 -25.72
C ILE A 216 10.49 15.14 -25.43
N ALA A 217 11.45 14.24 -25.55
CA ALA A 217 11.28 12.84 -25.23
C ALA A 217 11.81 12.59 -23.82
N PHE A 218 10.95 12.08 -22.95
CA PHE A 218 11.29 11.92 -21.54
C PHE A 218 11.85 10.53 -21.27
N MET A 219 12.82 10.47 -20.34
CA MET A 219 13.45 9.21 -19.99
C MET A 219 12.46 8.29 -19.29
N GLY A 220 12.54 7.00 -19.62
CA GLY A 220 11.67 6.00 -19.02
C GLY A 220 10.38 5.75 -19.75
N THR A 221 10.05 6.55 -20.76
CA THR A 221 8.83 6.33 -21.53
C THR A 221 9.07 5.29 -22.62
N LEU A 222 7.99 4.66 -23.06
CA LEU A 222 8.04 3.62 -24.07
C LEU A 222 7.55 4.17 -25.41
N VAL A 223 8.35 3.97 -26.46
CA VAL A 223 7.99 4.40 -27.81
C VAL A 223 7.09 3.32 -28.40
N ARG A 224 5.88 3.69 -28.79
CA ARG A 224 4.92 2.72 -29.31
C ARG A 224 4.81 2.73 -30.83
N CYS A 225 5.16 3.84 -31.48
CA CYS A 225 5.08 3.92 -32.93
C CYS A 225 6.01 5.01 -33.42
N GLY A 226 6.38 4.92 -34.70
CA GLY A 226 7.20 5.91 -35.34
C GLY A 226 8.68 5.73 -35.08
N LYS A 227 9.47 6.55 -35.77
CA LYS A 227 10.92 6.57 -35.64
C LYS A 227 11.37 7.98 -35.30
N ALA A 228 12.29 8.08 -34.35
CA ALA A 228 12.71 9.38 -33.83
C ALA A 228 14.23 9.46 -33.79
N LYS A 229 14.71 10.71 -33.78
CA LYS A 229 16.13 10.99 -33.64
C LYS A 229 16.27 12.23 -32.77
N GLY A 230 16.89 12.08 -31.60
CA GLY A 230 16.99 13.17 -30.65
C GLY A 230 18.40 13.32 -30.11
N VAL A 231 18.63 14.44 -29.45
CA VAL A 231 19.93 14.76 -28.86
C VAL A 231 19.78 14.82 -27.35
N VAL A 232 20.70 14.16 -26.63
CA VAL A 232 20.63 14.12 -25.17
C VAL A 232 20.82 15.53 -24.63
N ILE A 233 19.93 15.95 -23.74
CA ILE A 233 19.98 17.28 -23.14
C ILE A 233 20.23 17.16 -21.64
N GLY A 234 19.89 16.00 -21.08
CA GLY A 234 20.07 15.78 -19.65
C GLY A 234 20.30 14.33 -19.32
N THR A 235 21.30 14.06 -18.47
CA THR A 235 21.65 12.70 -18.07
C THR A 235 21.72 12.65 -16.55
N GLY A 236 21.31 11.52 -15.97
CA GLY A 236 21.40 11.31 -14.55
C GLY A 236 20.27 11.91 -13.75
N GLU A 237 20.60 12.78 -12.81
CA GLU A 237 19.63 13.43 -11.94
C GLU A 237 19.13 14.76 -12.51
N ASN A 238 19.62 15.14 -13.69
CA ASN A 238 19.24 16.39 -14.33
C ASN A 238 18.05 16.24 -15.26
N SER A 239 17.52 15.02 -15.43
CA SER A 239 16.35 14.80 -16.27
C SER A 239 15.08 15.02 -15.47
N GLU A 240 13.92 14.73 -16.07
CA GLU A 240 12.63 14.87 -15.41
C GLU A 240 12.39 13.73 -14.41
N PHE A 241 13.18 12.67 -14.49
CA PHE A 241 13.14 11.63 -13.47
C PHE A 241 14.12 11.91 -12.34
N GLY A 242 14.85 13.03 -12.41
CA GLY A 242 15.75 13.42 -11.35
C GLY A 242 15.17 14.50 -10.47
N GLU A 243 14.40 15.42 -11.08
CA GLU A 243 13.72 16.45 -10.31
C GLU A 243 12.68 15.83 -9.37
N VAL A 244 11.94 14.84 -9.85
CA VAL A 244 10.97 14.16 -8.99
C VAL A 244 11.67 13.41 -7.88
N PHE A 245 12.83 12.80 -8.15
CA PHE A 245 13.58 12.14 -7.09
C PHE A 245 14.09 13.16 -6.06
N LYS A 246 14.55 14.32 -6.51
CA LYS A 246 14.99 15.37 -5.59
C LYS A 246 13.84 15.83 -4.71
N MET A 247 12.65 16.01 -5.29
CA MET A 247 11.47 16.34 -4.50
C MET A 247 11.12 15.21 -3.54
N MET A 248 11.33 13.96 -3.95
CA MET A 248 11.08 12.83 -3.08
C MET A 248 11.99 12.86 -1.85
N GLN A 249 13.26 13.15 -2.05
CA GLN A 249 14.18 13.31 -0.92
C GLN A 249 14.24 14.76 -0.46
N ALA A 250 13.06 15.37 -0.33
CA ALA A 250 12.93 16.70 0.23
C ALA A 250 11.70 16.84 1.12
N GLU A 251 10.95 15.78 1.33
CA GLU A 251 9.74 15.81 2.15
C GLU A 251 9.87 14.78 3.27
N GLU A 252 9.53 15.18 4.48
CA GLU A 252 9.59 14.31 5.64
C GLU A 252 8.27 13.58 5.79
N ALA A 253 8.33 12.25 5.84
CA ALA A 253 7.15 11.46 6.08
C ALA A 253 6.59 11.75 7.48
N PRO A 254 5.28 11.86 7.63
CA PRO A 254 4.72 12.20 8.94
C PRO A 254 4.68 11.03 9.90
N LYS A 255 4.77 11.35 11.19
CA LYS A 255 4.84 10.33 12.22
C LYS A 255 3.56 9.50 12.24
N THR A 256 3.73 8.19 12.37
CA THR A 256 2.60 7.28 12.35
C THR A 256 1.77 7.44 13.62
N PRO A 257 0.44 7.26 13.52
CA PRO A 257 -0.39 7.29 14.74
C PRO A 257 0.01 6.25 15.77
N LEU A 258 0.52 5.10 15.33
CA LEU A 258 0.98 4.09 16.30
C LEU A 258 2.15 4.61 17.12
N GLN A 259 3.12 5.26 16.47
CA GLN A 259 4.25 5.81 17.21
C GLN A 259 3.83 6.96 18.12
N LYS A 260 2.89 7.80 17.67
CA LYS A 260 2.37 8.86 18.52
C LYS A 260 1.68 8.28 19.75
N SER A 261 0.88 7.22 19.56
CA SER A 261 0.22 6.57 20.68
C SER A 261 1.23 5.95 21.63
N MET A 262 2.28 5.33 21.10
CA MET A 262 3.32 4.77 21.95
C MET A 262 4.02 5.84 22.77
N ASP A 263 4.34 6.98 22.14
CA ASP A 263 4.97 8.08 22.86
C ASP A 263 4.04 8.64 23.94
N LEU A 264 2.76 8.80 23.61
CA LEU A 264 1.81 9.29 24.60
C LEU A 264 1.67 8.32 25.77
N LEU A 265 1.63 7.02 25.48
CA LEU A 265 1.53 6.03 26.55
C LEU A 265 2.80 6.01 27.41
N GLY A 266 3.97 6.17 26.80
CA GLY A 266 5.19 6.25 27.59
C GLY A 266 5.23 7.49 28.46
N LYS A 267 4.78 8.62 27.94
CA LYS A 267 4.71 9.84 28.75
C LYS A 267 3.72 9.66 29.90
N GLN A 268 2.57 9.03 29.63
CA GLN A 268 1.60 8.77 30.68
C GLN A 268 2.16 7.84 31.75
N LEU A 269 2.91 6.82 31.33
CA LEU A 269 3.53 5.91 32.30
C LEU A 269 4.56 6.64 33.15
N SER A 270 5.37 7.50 32.53
CA SER A 270 6.35 8.27 33.29
C SER A 270 5.66 9.19 34.29
N PHE A 271 4.59 9.87 33.86
CA PHE A 271 3.86 10.74 34.77
C PHE A 271 3.21 9.95 35.90
N TYR A 272 2.69 8.76 35.61
CA TYR A 272 2.11 7.91 36.64
C TYR A 272 3.16 7.46 37.65
N SER A 273 4.35 7.09 37.17
CA SER A 273 5.42 6.72 38.07
C SER A 273 5.84 7.90 38.95
N PHE A 274 5.96 9.09 38.35
CA PHE A 274 6.29 10.27 39.14
C PHE A 274 5.22 10.56 40.19
N GLY A 275 3.95 10.42 39.80
CA GLY A 275 2.87 10.64 40.75
C GLY A 275 2.90 9.67 41.90
N ILE A 276 3.16 8.39 41.62
CA ILE A 276 3.18 7.41 42.71
C ILE A 276 4.38 7.61 43.61
N ILE A 277 5.55 7.96 43.07
CA ILE A 277 6.69 8.18 43.97
C ILE A 277 6.44 9.43 44.83
N GLY A 278 5.85 10.47 44.25
CA GLY A 278 5.52 11.64 45.03
C GLY A 278 4.48 11.34 46.10
N ILE A 279 3.48 10.52 45.78
CA ILE A 279 2.46 10.15 46.74
C ILE A 279 3.07 9.36 47.89
N ILE A 280 3.97 8.42 47.59
CA ILE A 280 4.61 7.65 48.63
C ILE A 280 5.51 8.54 49.48
N MET A 281 6.19 9.52 48.85
CA MET A 281 6.99 10.48 49.60
C MET A 281 6.12 11.27 50.58
N LEU A 282 4.97 11.75 50.11
CA LEU A 282 4.06 12.50 50.99
C LEU A 282 3.54 11.63 52.12
N VAL A 283 3.18 10.37 51.82
CA VAL A 283 2.66 9.48 52.85
C VAL A 283 3.73 9.20 53.90
N GLY A 284 4.96 8.92 53.47
CA GLY A 284 6.06 8.71 54.40
C GLY A 284 6.39 9.94 55.24
N TRP A 285 6.34 11.12 54.64
CA TRP A 285 6.56 12.35 55.41
C TRP A 285 5.46 12.54 56.45
N LEU A 286 4.21 12.26 56.07
CA LEU A 286 3.10 12.40 57.02
C LEU A 286 3.22 11.40 58.16
N LEU A 287 3.57 10.15 57.85
CA LEU A 287 3.66 9.12 58.89
C LEU A 287 4.79 9.42 59.88
N GLY A 288 5.96 9.82 59.37
CA GLY A 288 7.08 10.12 60.22
C GLY A 288 8.23 9.15 60.08
N LYS A 289 8.22 8.36 59.00
CA LYS A 289 9.31 7.43 58.74
C LYS A 289 10.55 8.18 58.25
N ASP A 290 11.67 7.48 58.26
CA ASP A 290 12.93 8.09 57.85
C ASP A 290 12.93 8.35 56.35
N ILE A 291 13.75 9.31 55.93
CA ILE A 291 13.76 9.76 54.54
C ILE A 291 14.45 8.75 53.64
N LEU A 292 15.60 8.21 54.07
CA LEU A 292 16.44 7.42 53.16
C LEU A 292 15.78 6.09 52.80
N GLU A 293 15.29 5.34 53.79
CA GLU A 293 14.68 4.06 53.50
C GLU A 293 13.40 4.22 52.69
N MET A 294 12.60 5.23 53.02
CA MET A 294 11.39 5.50 52.23
C MET A 294 11.74 5.88 50.79
N PHE A 295 12.80 6.66 50.60
CA PHE A 295 13.22 7.01 49.24
C PHE A 295 13.67 5.77 48.47
N THR A 296 14.43 4.88 49.13
CA THR A 296 14.85 3.65 48.47
C THR A 296 13.65 2.78 48.10
N ILE A 297 12.67 2.69 49.00
CA ILE A 297 11.47 1.91 48.71
C ILE A 297 10.69 2.54 47.55
N SER A 298 10.62 3.87 47.51
CA SER A 298 9.95 4.55 46.41
C SER A 298 10.63 4.26 45.08
N VAL A 299 11.95 4.31 45.04
CA VAL A 299 12.67 4.03 43.80
C VAL A 299 12.51 2.56 43.41
N SER A 300 12.50 1.66 44.38
CA SER A 300 12.27 0.25 44.09
C SER A 300 10.88 0.03 43.50
N LEU A 301 9.87 0.71 44.05
CA LEU A 301 8.52 0.61 43.51
C LEU A 301 8.44 1.19 42.10
N ALA A 302 9.15 2.30 41.85
CA ALA A 302 9.20 2.85 40.50
C ALA A 302 9.87 1.89 39.53
N VAL A 303 10.92 1.19 39.98
CA VAL A 303 11.56 0.17 39.16
C VAL A 303 10.58 -0.95 38.85
N ALA A 304 9.83 -1.39 39.86
CA ALA A 304 8.79 -2.39 39.65
C ALA A 304 7.70 -1.90 38.70
N ALA A 305 7.50 -0.59 38.61
CA ALA A 305 6.59 -0.01 37.64
C ALA A 305 7.28 0.05 36.29
N ILE A 306 6.68 0.78 35.33
CA ILE A 306 7.17 0.87 33.97
C ILE A 306 7.35 -0.53 33.40
N PRO A 307 6.26 -1.21 33.04
CA PRO A 307 6.37 -2.62 32.65
C PRO A 307 7.26 -2.82 31.43
N GLU A 308 7.98 -3.94 31.42
CA GLU A 308 8.97 -4.24 30.39
C GLU A 308 8.43 -5.13 29.27
N GLY A 309 7.35 -5.86 29.50
CA GLY A 309 6.80 -6.76 28.51
C GLY A 309 5.98 -6.11 27.42
N LEU A 310 5.64 -4.82 27.57
CA LEU A 310 4.86 -4.15 26.53
C LEU A 310 5.61 -4.07 25.21
N PRO A 311 6.88 -3.62 25.16
CA PRO A 311 7.58 -3.66 23.87
C PRO A 311 7.70 -5.06 23.28
N ILE A 312 7.92 -6.07 24.12
CA ILE A 312 8.03 -7.44 23.62
C ILE A 312 6.72 -7.87 22.98
N VAL A 313 5.60 -7.64 23.66
CA VAL A 313 4.30 -8.05 23.14
C VAL A 313 3.98 -7.30 21.85
N VAL A 314 4.22 -5.99 21.83
CA VAL A 314 3.91 -5.20 20.64
C VAL A 314 4.75 -5.66 19.46
N THR A 315 6.06 -5.86 19.68
CA THR A 315 6.94 -6.30 18.61
C THR A 315 6.56 -7.69 18.11
N VAL A 316 6.24 -8.61 19.01
CA VAL A 316 5.87 -9.96 18.61
C VAL A 316 4.58 -9.94 17.80
N THR A 317 3.56 -9.21 18.26
CA THR A 317 2.30 -9.15 17.54
C THR A 317 2.48 -8.52 16.16
N LEU A 318 3.25 -7.43 16.08
CA LEU A 318 3.45 -6.77 14.79
C LEU A 318 4.30 -7.62 13.85
N ALA A 319 5.28 -8.35 14.38
CA ALA A 319 6.06 -9.25 13.54
C ALA A 319 5.20 -10.40 13.01
N LEU A 320 4.31 -10.93 13.85
CA LEU A 320 3.38 -11.96 13.39
C LEU A 320 2.45 -11.41 12.31
N GLY A 321 1.97 -10.18 12.49
CA GLY A 321 1.16 -9.56 11.45
C GLY A 321 1.92 -9.36 10.15
N VAL A 322 3.19 -8.95 10.26
CA VAL A 322 4.03 -8.78 9.07
C VAL A 322 4.23 -10.11 8.36
N MET A 323 4.48 -11.18 9.12
CA MET A 323 4.65 -12.51 8.53
C MET A 323 3.37 -12.96 7.85
N ARG A 324 2.21 -12.73 8.48
CA ARG A 324 0.93 -13.05 7.85
C ARG A 324 0.72 -12.26 6.58
N MET A 325 1.09 -10.98 6.57
CA MET A 325 0.98 -10.16 5.37
C MET A 325 1.89 -10.69 4.26
N VAL A 326 3.10 -11.11 4.63
CA VAL A 326 4.02 -11.69 3.65
C VAL A 326 3.43 -12.96 3.05
N LYS A 327 2.82 -13.81 3.90
CA LYS A 327 2.14 -15.00 3.40
C LYS A 327 0.98 -14.66 2.48
N LYS A 328 0.45 -13.44 2.56
CA LYS A 328 -0.64 -12.99 1.70
C LYS A 328 -0.14 -12.15 0.53
N ARG A 329 1.10 -12.36 0.10
CA ARG A 329 1.69 -11.67 -1.04
C ARG A 329 1.72 -10.15 -0.82
N ALA A 330 2.42 -9.74 0.23
CA ALA A 330 2.56 -8.32 0.55
C ALA A 330 3.73 -8.14 1.50
N ILE A 331 4.75 -7.41 1.06
CA ILE A 331 5.92 -7.14 1.87
C ILE A 331 5.72 -5.79 2.55
N VAL A 332 6.05 -5.71 3.84
CA VAL A 332 5.87 -4.51 4.64
C VAL A 332 7.22 -4.09 5.20
N LYS A 333 7.58 -2.82 5.00
CA LYS A 333 8.86 -2.33 5.49
C LYS A 333 8.88 -2.16 7.00
N LYS A 334 7.79 -1.63 7.56
CA LYS A 334 7.75 -1.30 8.98
C LYS A 334 6.43 -1.75 9.59
N LEU A 335 6.45 -1.93 10.91
CA LEU A 335 5.28 -2.31 11.70
C LEU A 335 4.31 -1.14 11.85
N PRO A 336 4.78 0.08 12.16
CA PRO A 336 3.86 1.22 12.12
C PRO A 336 3.25 1.46 10.76
N ILE A 337 3.88 0.98 9.69
CA ILE A 337 3.29 1.11 8.35
C ILE A 337 2.02 0.28 8.25
N VAL A 338 2.07 -0.99 8.68
CA VAL A 338 0.86 -1.81 8.65
C VAL A 338 -0.16 -1.31 9.66
N GLU A 339 0.31 -0.71 10.76
CA GLU A 339 -0.63 -0.10 11.69
C GLU A 339 -1.36 1.08 11.04
N THR A 340 -0.64 1.91 10.28
CA THR A 340 -1.26 3.03 9.58
C THR A 340 -2.27 2.55 8.56
N LEU A 341 -1.94 1.48 7.82
CA LEU A 341 -2.90 0.90 6.90
C LEU A 341 -4.13 0.36 7.64
N GLY A 342 -3.93 -0.21 8.83
CA GLY A 342 -5.06 -0.69 9.61
C GLY A 342 -5.97 0.44 10.09
N CYS A 343 -5.38 1.57 10.47
CA CYS A 343 -6.15 2.72 10.95
C CYS A 343 -6.34 3.77 9.85
N CYS A 344 -6.43 3.35 8.59
CA CYS A 344 -6.63 4.28 7.49
C CYS A 344 -8.06 4.82 7.48
N ASN A 345 -8.21 6.07 7.05
CA ASN A 345 -9.50 6.74 6.97
C ASN A 345 -9.92 7.04 5.55
N VAL A 346 -9.06 7.69 4.77
CA VAL A 346 -9.35 8.02 3.37
C VAL A 346 -8.31 7.34 2.50
N ILE A 347 -8.77 6.71 1.44
CA ILE A 347 -7.87 6.04 0.55
C ILE A 347 -8.00 6.64 -0.82
N CYS A 348 -6.94 7.20 -1.31
CA CYS A 348 -6.81 7.80 -2.65
C CYS A 348 -6.20 6.82 -3.65
N SER A 349 -6.11 7.16 -4.93
CA SER A 349 -5.70 6.17 -5.93
C SER A 349 -5.25 6.87 -7.21
N ASP A 350 -4.20 6.40 -7.82
CA ASP A 350 -3.89 6.94 -9.09
C ASP A 350 -4.94 6.22 -9.87
N LYS A 351 -5.21 6.61 -11.10
CA LYS A 351 -6.10 5.85 -11.91
C LYS A 351 -5.33 5.02 -12.84
N THR A 352 -4.54 5.59 -13.75
CA THR A 352 -3.86 4.78 -14.79
C THR A 352 -2.73 3.96 -14.30
N GLY A 353 -2.97 2.72 -13.97
CA GLY A 353 -1.93 1.89 -13.40
C GLY A 353 -2.33 1.05 -12.21
N THR A 354 -2.85 1.64 -11.12
CA THR A 354 -3.31 0.85 -9.99
C THR A 354 -4.83 0.63 -9.98
N LEU A 355 -5.62 1.57 -10.49
CA LEU A 355 -7.05 1.38 -10.63
C LEU A 355 -7.44 0.80 -11.98
N THR A 356 -6.61 1.00 -13.00
CA THR A 356 -6.86 0.43 -14.33
C THR A 356 -5.64 -0.34 -14.75
N LYS A 357 -5.83 -1.31 -15.65
CA LYS A 357 -4.74 -2.18 -16.07
C LYS A 357 -3.72 -1.45 -16.95
N ASN A 358 -4.03 -0.24 -17.39
CA ASN A 358 -3.20 0.48 -18.36
C ASN A 358 -3.01 -0.37 -19.61
N GLU A 359 -4.07 -1.11 -19.99
CA GLU A 359 -3.99 -2.04 -21.11
C GLU A 359 -5.32 -1.95 -21.85
N MET A 360 -5.33 -1.22 -22.97
CA MET A 360 -6.55 -1.07 -23.75
C MET A 360 -7.03 -2.42 -24.25
N THR A 361 -8.33 -2.69 -24.05
CA THR A 361 -8.93 -3.96 -24.41
C THR A 361 -10.32 -3.72 -24.97
N VAL A 362 -10.67 -4.43 -26.04
CA VAL A 362 -12.00 -4.30 -26.63
C VAL A 362 -13.02 -4.95 -25.70
N THR A 363 -14.07 -4.21 -25.37
CA THR A 363 -15.11 -4.70 -24.47
C THR A 363 -16.48 -4.83 -25.12
N HIS A 364 -16.78 -4.04 -26.16
CA HIS A 364 -18.07 -4.10 -26.82
C HIS A 364 -17.85 -4.15 -28.33
N ILE A 365 -18.59 -5.05 -28.98
CA ILE A 365 -18.54 -5.21 -30.43
C ILE A 365 -19.94 -5.05 -30.99
N PHE A 366 -20.08 -4.18 -31.98
CA PHE A 366 -21.35 -3.96 -32.67
C PHE A 366 -21.18 -4.34 -34.13
N THR A 367 -22.03 -5.23 -34.63
CA THR A 367 -21.95 -5.71 -36.00
C THR A 367 -22.88 -4.90 -36.90
N SER A 368 -22.65 -5.06 -38.21
CA SER A 368 -23.49 -4.37 -39.19
C SER A 368 -24.92 -4.87 -39.17
N ASP A 369 -25.16 -6.09 -38.69
CA ASP A 369 -26.50 -6.65 -38.59
C ASP A 369 -27.26 -6.16 -37.36
N GLY A 370 -26.59 -5.46 -36.45
CA GLY A 370 -27.22 -4.97 -35.25
C GLY A 370 -26.99 -5.80 -34.01
N LEU A 371 -26.19 -6.86 -34.10
CA LEU A 371 -25.92 -7.69 -32.94
C LEU A 371 -24.88 -7.03 -32.03
N HIS A 372 -25.08 -7.17 -30.73
CA HIS A 372 -24.20 -6.60 -29.72
C HIS A 372 -23.41 -7.72 -29.06
N ALA A 373 -22.10 -7.58 -28.99
CA ALA A 373 -21.22 -8.58 -28.42
C ALA A 373 -20.43 -7.98 -27.26
N GLU A 374 -20.38 -8.72 -26.15
CA GLU A 374 -19.63 -8.31 -24.97
C GLU A 374 -18.40 -9.19 -24.81
N VAL A 375 -17.25 -8.56 -24.59
CA VAL A 375 -15.97 -9.24 -24.46
C VAL A 375 -15.47 -9.07 -23.03
N THR A 376 -15.16 -10.18 -22.38
CA THR A 376 -14.64 -10.17 -21.01
C THR A 376 -13.12 -10.31 -21.01
N GLY A 377 -12.54 -10.15 -19.84
CA GLY A 377 -11.10 -10.26 -19.67
C GLY A 377 -10.39 -8.93 -19.85
N VAL A 378 -9.21 -8.84 -19.24
CA VAL A 378 -8.38 -7.64 -19.28
C VAL A 378 -6.96 -8.03 -19.64
N GLY A 379 -6.20 -7.08 -20.15
CA GLY A 379 -4.81 -7.31 -20.49
C GLY A 379 -4.64 -7.92 -21.87
N TYR A 380 -3.38 -7.97 -22.30
CA TYR A 380 -3.02 -8.54 -23.59
C TYR A 380 -2.73 -10.04 -23.46
N ASN A 381 -3.78 -10.78 -23.13
CA ASN A 381 -3.71 -12.22 -22.94
C ASN A 381 -4.92 -12.88 -23.58
N GLN A 382 -4.77 -14.17 -23.88
CA GLN A 382 -5.85 -14.94 -24.50
C GLN A 382 -7.01 -15.21 -23.55
N PHE A 383 -6.85 -14.94 -22.25
CA PHE A 383 -7.92 -15.14 -21.30
C PHE A 383 -9.08 -14.20 -21.60
N GLY A 384 -10.30 -14.73 -21.59
CA GLY A 384 -11.47 -13.94 -21.91
C GLY A 384 -12.36 -14.62 -22.93
N GLU A 385 -13.64 -14.25 -22.94
CA GLU A 385 -14.61 -14.85 -23.86
C GLU A 385 -15.48 -13.76 -24.47
N VAL A 386 -15.93 -14.01 -25.69
CA VAL A 386 -16.85 -13.13 -26.39
C VAL A 386 -18.24 -13.75 -26.34
N ILE A 387 -19.19 -13.01 -25.77
CA ILE A 387 -20.54 -13.51 -25.53
C ILE A 387 -21.50 -12.72 -26.40
N VAL A 388 -22.29 -13.42 -27.22
CA VAL A 388 -23.30 -12.82 -28.07
C VAL A 388 -24.66 -13.42 -27.68
N ASP A 389 -25.54 -12.59 -27.15
CA ASP A 389 -26.89 -13.01 -26.74
C ASP A 389 -26.84 -14.19 -25.77
N GLY A 390 -25.87 -14.16 -24.85
CA GLY A 390 -25.71 -15.20 -23.86
C GLY A 390 -25.00 -16.45 -24.34
N ASP A 391 -24.51 -16.44 -25.58
CA ASP A 391 -23.83 -17.59 -26.16
C ASP A 391 -22.37 -17.27 -26.41
N VAL A 392 -21.49 -18.22 -26.08
CA VAL A 392 -20.06 -18.04 -26.27
C VAL A 392 -19.72 -18.32 -27.72
N VAL A 393 -19.00 -17.40 -28.35
CA VAL A 393 -18.61 -17.51 -29.75
C VAL A 393 -17.12 -17.80 -29.82
N HIS A 394 -16.77 -18.86 -30.54
CA HIS A 394 -15.38 -19.26 -30.72
C HIS A 394 -15.10 -19.51 -32.19
N GLY A 395 -13.94 -19.06 -32.65
CA GLY A 395 -13.56 -19.26 -34.04
C GLY A 395 -14.50 -18.54 -34.99
N PHE A 396 -14.98 -19.27 -35.99
CA PHE A 396 -15.86 -18.73 -37.03
C PHE A 396 -17.32 -19.08 -36.77
N TYR A 397 -17.72 -19.12 -35.49
CA TYR A 397 -19.10 -19.44 -35.15
C TYR A 397 -20.06 -18.39 -35.67
N ASN A 398 -19.77 -17.11 -35.39
CA ASN A 398 -20.60 -16.01 -35.85
C ASN A 398 -19.90 -15.31 -37.00
N PRO A 399 -20.40 -15.41 -38.23
CA PRO A 399 -19.71 -14.77 -39.37
C PRO A 399 -19.55 -13.27 -39.22
N ALA A 400 -20.53 -12.58 -38.62
CA ALA A 400 -20.45 -11.13 -38.49
C ALA A 400 -19.30 -10.72 -37.58
N VAL A 401 -19.19 -11.35 -36.42
CA VAL A 401 -18.10 -11.03 -35.50
C VAL A 401 -16.77 -11.54 -36.05
N SER A 402 -16.79 -12.70 -36.71
CA SER A 402 -15.57 -13.27 -37.26
C SER A 402 -14.97 -12.39 -38.34
N ARG A 403 -15.82 -11.80 -39.20
CA ARG A 403 -15.31 -10.90 -40.23
C ARG A 403 -14.66 -9.66 -39.63
N ILE A 404 -15.27 -9.11 -38.58
CA ILE A 404 -14.68 -7.95 -37.91
C ILE A 404 -13.34 -8.32 -37.29
N VAL A 405 -13.28 -9.48 -36.64
CA VAL A 405 -12.03 -9.94 -36.04
C VAL A 405 -10.96 -10.13 -37.09
N GLU A 406 -11.31 -10.74 -38.22
CA GLU A 406 -10.35 -10.94 -39.30
C GLU A 406 -9.85 -9.61 -39.86
N ALA A 407 -10.76 -8.65 -40.02
CA ALA A 407 -10.35 -7.33 -40.51
C ALA A 407 -9.41 -6.65 -39.53
N GLY A 408 -9.69 -6.76 -38.23
CA GLY A 408 -8.83 -6.14 -37.24
C GLY A 408 -7.51 -6.85 -37.05
N CYS A 409 -7.45 -8.14 -37.38
CA CYS A 409 -6.24 -8.92 -37.18
C CYS A 409 -5.31 -8.89 -38.38
N VAL A 410 -5.86 -9.01 -39.59
CA VAL A 410 -5.01 -8.97 -40.79
C VAL A 410 -4.47 -7.56 -41.00
N CYS A 411 -5.33 -6.54 -40.87
CA CYS A 411 -4.90 -5.15 -40.97
C CYS A 411 -4.32 -4.68 -39.64
N ASN A 412 -3.19 -5.27 -39.28
CA ASN A 412 -2.58 -5.06 -37.98
C ASN A 412 -1.07 -5.24 -38.08
N ASP A 413 -0.32 -4.25 -37.63
CA ASP A 413 1.13 -4.33 -37.57
C ASP A 413 1.67 -4.52 -36.15
N ALA A 414 0.81 -4.41 -35.14
CA ALA A 414 1.24 -4.63 -33.76
C ALA A 414 1.39 -6.12 -33.48
N VAL A 415 2.44 -6.46 -32.74
CA VAL A 415 2.76 -7.84 -32.42
C VAL A 415 2.96 -7.94 -30.91
N ILE A 416 2.29 -8.91 -30.28
CA ILE A 416 2.38 -9.13 -28.85
C ILE A 416 3.17 -10.41 -28.60
N ARG A 417 4.27 -10.30 -27.86
CA ARG A 417 5.10 -11.44 -27.51
C ARG A 417 5.23 -11.50 -25.99
N ASN A 418 4.92 -12.67 -25.42
CA ASN A 418 5.01 -12.89 -23.98
C ASN A 418 4.19 -11.84 -23.20
N ASN A 419 2.97 -11.59 -23.68
CA ASN A 419 2.04 -10.63 -23.10
C ASN A 419 2.58 -9.19 -23.11
N THR A 420 3.55 -8.90 -23.98
CA THR A 420 4.07 -7.55 -24.12
C THR A 420 3.72 -7.01 -25.50
N LEU A 421 3.07 -5.85 -25.54
CA LEU A 421 2.60 -5.27 -26.79
C LEU A 421 3.67 -4.39 -27.40
N MET A 422 3.92 -4.57 -28.69
CA MET A 422 4.82 -3.73 -29.47
C MET A 422 4.00 -3.04 -30.56
N GLY A 423 3.57 -1.81 -30.30
CA GLY A 423 2.75 -1.06 -31.22
C GLY A 423 1.70 -0.23 -30.52
N LYS A 424 0.71 0.22 -31.31
CA LYS A 424 -0.35 1.07 -30.81
C LYS A 424 -1.24 0.30 -29.85
N PRO A 425 -1.62 0.91 -28.71
CA PRO A 425 -2.50 0.20 -27.76
C PRO A 425 -3.84 -0.21 -28.35
N THR A 426 -4.42 0.63 -29.22
CA THR A 426 -5.68 0.27 -29.86
C THR A 426 -5.55 -0.98 -30.72
N GLU A 427 -4.45 -1.08 -31.48
CA GLU A 427 -4.20 -2.27 -32.28
C GLU A 427 -3.91 -3.48 -31.41
N GLY A 428 -3.23 -3.27 -30.27
CA GLY A 428 -3.03 -4.35 -29.33
C GLY A 428 -4.33 -4.88 -28.75
N ALA A 429 -5.30 -3.98 -28.56
CA ALA A 429 -6.62 -4.41 -28.10
C ALA A 429 -7.28 -5.33 -29.12
N LEU A 430 -7.20 -4.98 -30.41
CA LEU A 430 -7.75 -5.84 -31.44
C LEU A 430 -7.02 -7.18 -31.51
N ILE A 431 -5.69 -7.15 -31.35
CA ILE A 431 -4.93 -8.39 -31.35
C ILE A 431 -5.35 -9.29 -30.19
N ALA A 432 -5.52 -8.71 -29.01
CA ALA A 432 -5.97 -9.49 -27.86
C ALA A 432 -7.38 -10.03 -28.07
N LEU A 433 -8.26 -9.23 -28.68
CA LEU A 433 -9.61 -9.70 -28.99
C LEU A 433 -9.57 -10.88 -29.94
N ALA A 434 -8.72 -10.81 -30.98
CA ALA A 434 -8.57 -11.93 -31.89
C ALA A 434 -8.01 -13.16 -31.18
N MET A 435 -7.06 -12.94 -30.25
CA MET A 435 -6.49 -14.06 -29.51
C MET A 435 -7.54 -14.74 -28.63
N LYS A 436 -8.44 -13.95 -28.03
CA LYS A 436 -9.48 -14.52 -27.18
C LYS A 436 -10.41 -15.43 -27.97
N MET A 437 -10.59 -15.16 -29.26
CA MET A 437 -11.44 -15.97 -30.12
C MET A 437 -10.70 -17.13 -30.75
N GLY A 438 -9.41 -17.30 -30.46
CA GLY A 438 -8.65 -18.38 -31.04
C GLY A 438 -8.22 -18.15 -32.47
N LEU A 439 -8.15 -16.89 -32.90
CA LEU A 439 -7.74 -16.54 -34.25
C LEU A 439 -6.43 -15.74 -34.25
N ASP A 440 -5.47 -16.16 -33.42
CA ASP A 440 -4.19 -15.44 -33.33
C ASP A 440 -3.38 -15.57 -34.61
N GLY A 441 -3.46 -16.71 -35.29
CA GLY A 441 -2.69 -16.98 -36.48
C GLY A 441 -3.31 -16.51 -37.78
N LEU A 442 -4.33 -15.64 -37.72
CA LEU A 442 -4.98 -15.16 -38.93
C LEU A 442 -4.06 -14.28 -39.79
N GLN A 443 -3.07 -13.63 -39.17
CA GLN A 443 -2.16 -12.77 -39.93
C GLN A 443 -1.32 -13.59 -40.89
N GLN A 444 -0.86 -14.77 -40.45
CA GLN A 444 0.04 -15.58 -41.26
C GLN A 444 -0.66 -16.19 -42.47
N ASP A 445 -1.99 -16.11 -42.53
CA ASP A 445 -2.74 -16.71 -43.64
C ASP A 445 -2.87 -15.78 -44.83
N TYR A 446 -2.35 -14.56 -44.76
CA TYR A 446 -2.47 -13.58 -45.83
C TYR A 446 -1.12 -12.94 -46.12
N ILE A 447 -0.92 -12.56 -47.38
CA ILE A 447 0.30 -11.88 -47.81
C ILE A 447 -0.07 -10.44 -48.16
N ARG A 448 0.43 -9.50 -47.36
CA ARG A 448 0.09 -8.09 -47.54
C ARG A 448 0.81 -7.54 -48.76
N LYS A 449 0.06 -7.29 -49.83
CA LYS A 449 0.61 -6.78 -51.07
C LYS A 449 0.81 -5.26 -51.05
N ALA A 450 -0.24 -4.51 -50.75
CA ALA A 450 -0.18 -3.06 -50.68
C ALA A 450 -0.59 -2.60 -49.30
N GLU A 451 0.20 -1.68 -48.73
CA GLU A 451 -0.04 -1.20 -47.38
C GLU A 451 -0.20 0.32 -47.39
N TYR A 452 -1.30 0.79 -46.81
CA TYR A 452 -1.54 2.21 -46.56
C TYR A 452 -1.47 2.44 -45.06
N PRO A 453 -0.54 3.25 -44.57
CA PRO A 453 -0.34 3.38 -43.12
C PRO A 453 -1.23 4.44 -42.49
N PHE A 454 -1.40 4.30 -41.19
CA PHE A 454 -2.25 5.20 -40.42
C PHE A 454 -1.55 6.53 -40.20
N SER A 455 -2.27 7.62 -40.49
CA SER A 455 -1.74 8.97 -40.32
C SER A 455 -2.79 9.85 -39.66
N SER A 456 -2.32 10.91 -38.99
CA SER A 456 -3.23 11.82 -38.31
C SER A 456 -4.17 12.52 -39.30
N GLU A 457 -3.66 12.89 -40.48
CA GLU A 457 -4.50 13.58 -41.46
C GLU A 457 -5.58 12.66 -42.02
N GLN A 458 -5.19 11.45 -42.44
CA GLN A 458 -6.16 10.52 -43.02
C GLN A 458 -7.06 9.91 -41.95
N LYS A 459 -6.47 9.52 -40.81
CA LYS A 459 -7.17 8.86 -39.70
C LYS A 459 -7.74 7.51 -40.09
N TRP A 460 -7.15 6.83 -41.06
CA TRP A 460 -7.54 5.47 -41.38
C TRP A 460 -6.34 4.73 -41.96
N MET A 461 -6.38 3.40 -41.86
CA MET A 461 -5.33 2.53 -42.37
C MET A 461 -5.96 1.36 -43.11
N ALA A 462 -5.51 1.12 -44.34
CA ALA A 462 -6.03 0.04 -45.16
C ALA A 462 -4.88 -0.73 -45.77
N VAL A 463 -5.08 -2.05 -45.92
CA VAL A 463 -4.08 -2.93 -46.53
C VAL A 463 -4.78 -3.82 -47.56
N LYS A 464 -4.01 -4.31 -48.52
CA LYS A 464 -4.50 -5.26 -49.52
C LYS A 464 -3.67 -6.54 -49.41
N CYS A 465 -4.34 -7.68 -49.35
CA CYS A 465 -3.67 -8.94 -49.13
C CYS A 465 -4.45 -10.07 -49.80
N VAL A 466 -3.73 -11.17 -50.05
CA VAL A 466 -4.29 -12.36 -50.66
C VAL A 466 -3.95 -13.55 -49.77
N HIS A 467 -4.83 -14.56 -49.79
CA HIS A 467 -4.65 -15.74 -48.95
C HIS A 467 -3.42 -16.53 -49.38
N ARG A 468 -2.78 -17.21 -48.42
CA ARG A 468 -1.58 -17.98 -48.71
C ARG A 468 -1.88 -19.14 -49.66
N THR A 469 -2.87 -19.96 -49.32
CA THR A 469 -3.18 -21.14 -50.12
C THR A 469 -4.28 -20.89 -51.14
N GLN A 470 -4.85 -19.69 -51.19
CA GLN A 470 -5.91 -19.35 -52.13
C GLN A 470 -5.50 -18.09 -52.91
N GLN A 471 -4.28 -18.11 -53.45
CA GLN A 471 -3.77 -16.97 -54.19
C GLN A 471 -4.60 -16.65 -55.43
N ASP A 472 -5.35 -17.62 -55.96
CA ASP A 472 -6.22 -17.38 -57.10
C ASP A 472 -7.45 -16.55 -56.73
N ARG A 473 -7.76 -16.39 -55.44
CA ARG A 473 -8.91 -15.63 -55.04
C ARG A 473 -8.69 -14.14 -55.32
N PRO A 474 -9.76 -13.39 -55.56
CA PRO A 474 -9.61 -11.95 -55.81
C PRO A 474 -9.10 -11.21 -54.58
N GLU A 475 -8.43 -10.09 -54.83
CA GLU A 475 -7.86 -9.30 -53.74
C GLU A 475 -8.96 -8.73 -52.85
N ILE A 476 -8.69 -8.72 -51.55
CA ILE A 476 -9.62 -8.21 -50.55
C ILE A 476 -8.90 -7.14 -49.72
N CYS A 477 -9.57 -6.03 -49.49
CA CYS A 477 -9.00 -4.88 -48.79
C CYS A 477 -9.78 -4.63 -47.51
N PHE A 478 -9.08 -4.48 -46.39
CA PHE A 478 -9.67 -4.15 -45.11
C PHE A 478 -9.10 -2.83 -44.61
N MET A 479 -9.98 -1.98 -44.08
CA MET A 479 -9.58 -0.68 -43.56
C MET A 479 -10.07 -0.52 -42.13
N LYS A 480 -9.29 0.19 -41.31
CA LYS A 480 -9.66 0.49 -39.94
C LYS A 480 -9.37 1.96 -39.65
N GLY A 481 -10.18 2.55 -38.79
CA GLY A 481 -9.99 3.95 -38.43
C GLY A 481 -11.27 4.54 -37.89
N ALA A 482 -11.35 5.87 -37.97
CA ALA A 482 -12.52 6.59 -37.49
C ALA A 482 -13.74 6.25 -38.33
N TYR A 483 -14.92 6.31 -37.72
CA TYR A 483 -16.16 5.97 -38.41
C TYR A 483 -16.41 6.92 -39.59
N GLU A 484 -16.14 8.22 -39.39
CA GLU A 484 -16.43 9.20 -40.43
C GLU A 484 -15.63 8.94 -41.71
N GLN A 485 -14.35 8.61 -41.57
CA GLN A 485 -13.52 8.35 -42.74
C GLN A 485 -13.79 6.98 -43.35
N VAL A 486 -14.06 5.97 -42.53
CA VAL A 486 -14.30 4.63 -43.05
C VAL A 486 -15.63 4.56 -43.79
N ILE A 487 -16.67 5.19 -43.24
CA ILE A 487 -18.00 5.10 -43.85
C ILE A 487 -18.04 5.79 -45.21
N LYS A 488 -17.09 6.68 -45.50
CA LYS A 488 -17.04 7.30 -46.81
C LYS A 488 -16.73 6.29 -47.90
N TYR A 489 -15.86 5.32 -47.61
CA TYR A 489 -15.49 4.28 -48.57
C TYR A 489 -16.39 3.06 -48.51
N CYS A 490 -17.41 3.07 -47.67
CA CYS A 490 -18.34 1.95 -47.55
C CYS A 490 -19.59 2.25 -48.37
N THR A 491 -19.98 1.30 -49.22
CA THR A 491 -21.16 1.44 -50.05
C THR A 491 -22.25 0.42 -49.74
N THR A 492 -21.89 -0.78 -49.25
CA THR A 492 -22.84 -1.81 -48.91
C THR A 492 -22.56 -2.30 -47.48
N TYR A 493 -23.50 -3.07 -46.94
CA TYR A 493 -23.37 -3.64 -45.61
C TYR A 493 -23.92 -5.06 -45.63
N GLN A 494 -23.46 -5.86 -44.67
CA GLN A 494 -23.86 -7.26 -44.55
C GLN A 494 -24.92 -7.39 -43.46
N SER A 495 -25.94 -8.20 -43.74
CA SER A 495 -27.04 -8.44 -42.81
C SER A 495 -27.51 -9.87 -42.96
N LYS A 496 -27.22 -10.69 -41.95
CA LYS A 496 -27.62 -12.11 -41.94
C LYS A 496 -27.09 -12.85 -43.17
N GLY A 497 -25.85 -12.53 -43.55
CA GLY A 497 -25.23 -13.16 -44.69
C GLY A 497 -25.60 -12.60 -46.05
N GLN A 498 -26.40 -11.53 -46.09
CA GLN A 498 -26.82 -10.91 -47.34
C GLN A 498 -26.19 -9.54 -47.48
N THR A 499 -25.74 -9.21 -48.69
CA THR A 499 -25.12 -7.93 -48.97
C THR A 499 -26.18 -6.95 -49.46
N LEU A 500 -26.42 -5.90 -48.67
CA LEU A 500 -27.40 -4.89 -48.99
C LEU A 500 -26.73 -3.52 -49.10
N THR A 501 -27.29 -2.66 -49.94
CA THR A 501 -26.74 -1.33 -50.13
C THR A 501 -26.90 -0.51 -48.85
N LEU A 502 -25.86 0.26 -48.53
CA LEU A 502 -25.86 1.10 -47.32
C LEU A 502 -26.76 2.30 -47.56
N THR A 503 -27.80 2.43 -46.74
CA THR A 503 -28.74 3.54 -46.85
C THR A 503 -28.42 4.62 -45.83
N GLN A 504 -29.12 5.75 -45.97
CA GLN A 504 -28.94 6.85 -45.02
C GLN A 504 -29.43 6.48 -43.63
N GLN A 505 -30.52 5.71 -43.56
CA GLN A 505 -31.03 5.26 -42.27
C GLN A 505 -30.02 4.38 -41.55
N GLN A 506 -29.36 3.48 -42.29
CA GLN A 506 -28.33 2.63 -41.68
C GLN A 506 -27.15 3.47 -41.19
N ARG A 507 -26.77 4.49 -41.96
CA ARG A 507 -25.69 5.38 -41.51
C ARG A 507 -26.08 6.12 -40.25
N ASP A 508 -27.33 6.58 -40.16
CA ASP A 508 -27.80 7.24 -38.95
C ASP A 508 -27.80 6.28 -37.76
N VAL A 509 -28.19 5.03 -37.99
CA VAL A 509 -28.17 4.04 -36.91
C VAL A 509 -26.75 3.80 -36.43
N TYR A 510 -25.80 3.70 -37.37
CA TYR A 510 -24.40 3.51 -36.99
C TYR A 510 -23.87 4.71 -36.23
N GLN A 511 -24.23 5.92 -36.65
CA GLN A 511 -23.81 7.12 -35.92
C GLN A 511 -24.41 7.14 -34.52
N GLN A 512 -25.67 6.74 -34.38
CA GLN A 512 -26.30 6.69 -33.06
C GLN A 512 -25.57 5.69 -32.17
N GLU A 513 -25.24 4.52 -32.70
CA GLU A 513 -24.51 3.51 -31.93
C GLU A 513 -23.12 4.02 -31.54
N LYS A 514 -22.44 4.70 -32.46
CA LYS A 514 -21.13 5.26 -32.17
C LYS A 514 -21.21 6.30 -31.06
N ALA A 515 -22.21 7.17 -31.11
CA ALA A 515 -22.37 8.18 -30.06
C ALA A 515 -22.70 7.52 -28.72
N ARG A 516 -23.53 6.48 -28.74
CA ARG A 516 -23.86 5.79 -27.50
C ARG A 516 -22.63 5.13 -26.89
N MET A 517 -21.80 4.51 -27.72
CA MET A 517 -20.58 3.88 -27.22
C MET A 517 -19.60 4.93 -26.71
N GLY A 518 -19.51 6.07 -27.40
CA GLY A 518 -18.62 7.13 -26.94
C GLY A 518 -19.06 7.73 -25.62
N SER A 519 -20.39 7.82 -25.41
CA SER A 519 -20.90 8.35 -24.15
C SER A 519 -20.54 7.48 -22.96
N ALA A 520 -20.22 6.21 -23.18
CA ALA A 520 -19.80 5.30 -22.12
C ALA A 520 -18.29 5.29 -21.90
N GLY A 521 -17.55 6.16 -22.60
CA GLY A 521 -16.12 6.18 -22.47
C GLY A 521 -15.37 5.25 -23.39
N LEU A 522 -16.07 4.59 -24.32
CA LEU A 522 -15.45 3.66 -25.24
C LEU A 522 -14.95 4.40 -26.48
N ARG A 523 -13.76 4.03 -26.94
CA ARG A 523 -13.19 4.59 -28.17
C ARG A 523 -13.71 3.78 -29.35
N VAL A 524 -14.28 4.46 -30.33
CA VAL A 524 -14.94 3.80 -31.46
C VAL A 524 -13.95 3.63 -32.60
N LEU A 525 -13.84 2.41 -33.11
CA LEU A 525 -13.02 2.11 -34.27
C LEU A 525 -13.88 1.39 -35.31
N ALA A 526 -13.83 1.86 -36.54
CA ALA A 526 -14.64 1.32 -37.62
C ALA A 526 -13.82 0.33 -38.46
N LEU A 527 -14.49 -0.71 -38.94
CA LEU A 527 -13.86 -1.74 -39.75
C LEU A 527 -14.69 -2.00 -41.00
N ALA A 528 -14.02 -2.34 -42.09
CA ALA A 528 -14.67 -2.61 -43.36
C ALA A 528 -13.83 -3.60 -44.16
N SER A 529 -14.48 -4.24 -45.13
CA SER A 529 -13.80 -5.19 -46.01
C SER A 529 -14.46 -5.14 -47.38
N GLY A 530 -13.66 -5.37 -48.42
CA GLY A 530 -14.15 -5.36 -49.77
C GLY A 530 -13.07 -5.62 -50.81
N PRO A 531 -13.46 -5.63 -52.08
CA PRO A 531 -12.47 -5.93 -53.13
C PRO A 531 -11.49 -4.79 -53.38
N GLU A 532 -11.96 -3.55 -53.40
CA GLU A 532 -11.10 -2.41 -53.67
C GLU A 532 -11.60 -1.20 -52.90
N LEU A 533 -10.70 -0.24 -52.71
CA LEU A 533 -11.02 0.97 -51.94
C LEU A 533 -12.17 1.72 -52.59
N GLY A 534 -13.14 2.13 -51.77
CA GLY A 534 -14.31 2.84 -52.23
C GLY A 534 -15.57 2.00 -52.31
N GLN A 535 -15.44 0.71 -52.64
CA GLN A 535 -16.57 -0.20 -52.71
C GLN A 535 -16.47 -1.26 -51.62
N LEU A 536 -15.99 -0.86 -50.44
CA LEU A 536 -15.88 -1.78 -49.32
C LEU A 536 -17.23 -2.04 -48.69
N THR A 537 -17.32 -3.12 -47.93
CA THR A 537 -18.53 -3.48 -47.20
C THR A 537 -18.33 -3.19 -45.71
N PHE A 538 -19.25 -2.44 -45.12
CA PHE A 538 -19.14 -2.10 -43.71
C PHE A 538 -19.36 -3.35 -42.86
N LEU A 539 -18.48 -3.56 -41.88
CA LEU A 539 -18.54 -4.72 -41.01
C LEU A 539 -19.14 -4.42 -39.64
N GLY A 540 -18.67 -3.37 -38.98
CA GLY A 540 -19.21 -3.01 -37.69
C GLY A 540 -18.25 -2.11 -36.94
N LEU A 541 -18.61 -1.84 -35.68
CA LEU A 541 -17.83 -1.00 -34.79
C LEU A 541 -17.41 -1.80 -33.56
N VAL A 542 -16.25 -1.45 -33.01
CA VAL A 542 -15.70 -2.09 -31.83
C VAL A 542 -15.44 -1.04 -30.77
N GLY A 543 -15.81 -1.35 -29.53
CA GLY A 543 -15.59 -0.44 -28.42
C GLY A 543 -14.33 -0.74 -27.66
N ILE A 544 -13.34 0.14 -27.75
CA ILE A 544 -12.04 -0.03 -27.10
C ILE A 544 -11.96 0.94 -25.93
N ILE A 545 -11.71 0.41 -24.74
CA ILE A 545 -11.57 1.20 -23.53
C ILE A 545 -10.43 0.61 -22.70
N ASP A 546 -9.94 1.41 -21.75
CA ASP A 546 -8.95 0.94 -20.79
C ASP A 546 -9.68 0.51 -19.53
N PRO A 547 -9.96 -0.79 -19.37
CA PRO A 547 -10.85 -1.23 -18.30
C PRO A 547 -10.13 -1.27 -16.96
N PRO A 548 -10.86 -1.10 -15.86
CA PRO A 548 -10.24 -1.21 -14.53
C PRO A 548 -9.79 -2.63 -14.26
N ARG A 549 -8.87 -2.77 -13.29
CA ARG A 549 -8.34 -4.06 -12.91
C ARG A 549 -9.45 -4.93 -12.31
N THR A 550 -9.33 -6.24 -12.48
CA THR A 550 -10.29 -7.19 -11.97
C THR A 550 -10.27 -7.20 -10.44
N GLY A 551 -11.47 -7.32 -9.86
CA GLY A 551 -11.61 -7.31 -8.42
C GLY A 551 -11.42 -5.97 -7.75
N VAL A 552 -11.56 -4.88 -8.50
CA VAL A 552 -11.38 -3.54 -7.95
C VAL A 552 -12.71 -2.88 -7.63
N LYS A 553 -13.73 -3.11 -8.46
CA LYS A 553 -15.03 -2.51 -8.21
C LYS A 553 -15.64 -3.01 -6.90
N GLU A 554 -15.58 -4.32 -6.67
CA GLU A 554 -16.11 -4.88 -5.43
C GLU A 554 -15.34 -4.37 -4.22
N ALA A 555 -14.02 -4.27 -4.34
CA ALA A 555 -13.20 -3.76 -3.25
C ALA A 555 -13.54 -2.30 -2.95
N VAL A 556 -13.73 -1.49 -3.99
CA VAL A 556 -14.09 -0.09 -3.80
C VAL A 556 -15.45 0.03 -3.14
N THR A 557 -16.40 -0.80 -3.58
CA THR A 557 -17.73 -0.78 -2.96
C THR A 557 -17.67 -1.17 -1.49
N THR A 558 -16.88 -2.19 -1.16
CA THR A 558 -16.73 -2.62 0.22
C THR A 558 -16.08 -1.53 1.07
N LEU A 559 -15.05 -0.87 0.53
CA LEU A 559 -14.40 0.21 1.26
C LEU A 559 -15.34 1.39 1.48
N ILE A 560 -16.14 1.73 0.47
CA ILE A 560 -17.09 2.82 0.62
C ILE A 560 -18.15 2.49 1.65
N ALA A 561 -18.67 1.25 1.61
CA ALA A 561 -19.68 0.84 2.60
C ALA A 561 -19.10 0.72 4.00
N SER A 562 -17.79 0.65 4.14
CA SER A 562 -17.13 0.53 5.43
C SER A 562 -16.86 1.89 6.08
N GLY A 563 -17.24 2.98 5.43
CA GLY A 563 -16.99 4.31 5.97
C GLY A 563 -15.71 4.96 5.53
N VAL A 564 -15.04 4.45 4.51
CA VAL A 564 -13.77 4.98 4.03
C VAL A 564 -14.02 5.64 2.68
N SER A 565 -13.68 6.93 2.60
CA SER A 565 -13.85 7.68 1.36
C SER A 565 -12.74 7.32 0.37
N ILE A 566 -13.11 7.26 -0.91
CA ILE A 566 -12.17 6.92 -1.98
C ILE A 566 -12.13 8.08 -2.96
N LYS A 567 -10.93 8.58 -3.25
CA LYS A 567 -10.73 9.68 -4.18
C LYS A 567 -9.75 9.26 -5.27
N MET A 568 -9.88 9.89 -6.43
CA MET A 568 -9.03 9.59 -7.57
C MET A 568 -8.23 10.83 -7.94
N ILE A 569 -6.91 10.68 -8.03
CA ILE A 569 -6.00 11.74 -8.45
C ILE A 569 -5.20 11.20 -9.62
N THR A 570 -5.28 11.88 -10.76
CA THR A 570 -4.59 11.45 -11.96
C THR A 570 -4.29 12.65 -12.85
N GLY A 571 -3.33 12.47 -13.76
CA GLY A 571 -2.96 13.47 -14.72
C GLY A 571 -3.54 13.30 -16.11
N ASP A 572 -4.54 12.42 -16.27
CA ASP A 572 -5.13 12.17 -17.56
C ASP A 572 -6.22 13.19 -17.86
N SER A 573 -6.94 12.99 -18.96
CA SER A 573 -7.99 13.92 -19.36
C SER A 573 -9.19 13.80 -18.44
N GLN A 574 -10.02 14.84 -18.46
CA GLN A 574 -11.21 14.88 -17.60
C GLN A 574 -12.20 13.79 -17.98
N GLU A 575 -12.42 13.57 -19.27
CA GLU A 575 -13.42 12.61 -19.71
C GLU A 575 -13.06 11.19 -19.29
N THR A 576 -11.81 10.80 -19.47
CA THR A 576 -11.39 9.44 -19.08
C THR A 576 -11.52 9.23 -17.57
N ALA A 577 -11.08 10.21 -16.78
CA ALA A 577 -11.19 10.10 -15.33
C ALA A 577 -12.64 10.02 -14.89
N VAL A 578 -13.51 10.84 -15.50
CA VAL A 578 -14.93 10.82 -15.15
C VAL A 578 -15.54 9.47 -15.49
N ALA A 579 -15.22 8.93 -16.67
CA ALA A 579 -15.75 7.63 -17.06
C ALA A 579 -15.27 6.52 -16.14
N ILE A 580 -13.99 6.54 -15.78
CA ILE A 580 -13.45 5.51 -14.89
C ILE A 580 -14.09 5.59 -13.52
N ALA A 581 -14.24 6.82 -12.98
CA ALA A 581 -14.88 6.97 -11.68
C ALA A 581 -16.33 6.54 -11.70
N SER A 582 -17.07 6.88 -12.76
CA SER A 582 -18.46 6.46 -12.87
C SER A 582 -18.57 4.93 -12.97
N ARG A 583 -17.66 4.30 -13.73
CA ARG A 583 -17.68 2.85 -13.83
C ARG A 583 -17.38 2.19 -12.48
N LEU A 584 -16.45 2.76 -11.71
CA LEU A 584 -16.10 2.23 -10.40
C LEU A 584 -17.03 2.74 -9.30
N GLY A 585 -17.93 3.66 -9.59
CA GLY A 585 -18.86 4.18 -8.61
C GLY A 585 -18.40 5.42 -7.87
N LEU A 586 -17.31 6.06 -8.30
CA LEU A 586 -16.81 7.25 -7.66
C LEU A 586 -17.34 8.54 -8.27
N TYR A 587 -18.19 8.44 -9.30
CA TYR A 587 -18.74 9.60 -9.96
C TYR A 587 -20.24 9.41 -10.17
N SER A 588 -20.97 10.50 -10.16
CA SER A 588 -22.43 10.48 -10.33
C SER A 588 -22.83 11.70 -11.16
N LYS A 589 -24.14 11.92 -11.26
CA LYS A 589 -24.68 13.03 -12.03
C LYS A 589 -24.69 14.34 -11.23
N THR A 590 -24.31 14.31 -9.97
CA THR A 590 -24.25 15.50 -9.15
C THR A 590 -22.86 15.79 -8.59
N SER A 591 -21.87 14.96 -8.90
CA SER A 591 -20.52 15.18 -8.41
C SER A 591 -19.81 16.26 -9.24
N GLN A 592 -18.65 16.68 -8.76
CA GLN A 592 -17.87 17.71 -9.41
C GLN A 592 -16.42 17.25 -9.54
N SER A 593 -15.75 17.75 -10.57
CA SER A 593 -14.35 17.44 -10.84
C SER A 593 -13.52 18.72 -10.78
N VAL A 594 -12.34 18.62 -10.18
CA VAL A 594 -11.46 19.76 -9.98
C VAL A 594 -10.14 19.49 -10.70
N SER A 595 -9.70 20.44 -11.52
CA SER A 595 -8.47 20.30 -12.27
C SER A 595 -7.28 20.80 -11.45
N GLY A 596 -6.08 20.60 -12.00
CA GLY A 596 -4.88 21.05 -11.33
C GLY A 596 -4.77 22.56 -11.25
N GLU A 597 -5.21 23.27 -12.29
CA GLU A 597 -5.20 24.73 -12.25
C GLU A 597 -6.11 25.25 -11.14
N GLU A 598 -7.28 24.64 -10.95
CA GLU A 598 -8.14 25.02 -9.85
C GLU A 598 -7.48 24.76 -8.51
N ILE A 599 -6.76 23.63 -8.38
CA ILE A 599 -6.03 23.35 -7.15
C ILE A 599 -4.99 24.44 -6.88
N ASP A 600 -4.25 24.84 -7.92
CA ASP A 600 -3.27 25.90 -7.78
C ASP A 600 -3.88 27.28 -7.63
N ALA A 601 -5.19 27.43 -7.86
CA ALA A 601 -5.83 28.73 -7.80
C ALA A 601 -5.92 29.23 -6.36
N MET A 602 -6.63 28.51 -5.50
CA MET A 602 -6.86 28.96 -4.13
C MET A 602 -5.70 28.50 -3.23
N ASP A 603 -5.84 28.76 -1.93
CA ASP A 603 -4.79 28.43 -0.97
C ASP A 603 -5.41 28.16 0.39
N VAL A 604 -4.96 27.06 1.02
CA VAL A 604 -5.25 26.74 2.41
C VAL A 604 -6.76 26.56 2.65
N GLN A 605 -7.46 27.65 2.94
CA GLN A 605 -8.83 27.55 3.44
C GLN A 605 -9.80 27.04 2.37
N GLN A 606 -9.77 27.63 1.18
CA GLN A 606 -10.69 27.18 0.13
C GLN A 606 -10.37 25.76 -0.32
N LEU A 607 -9.08 25.40 -0.34
CA LEU A 607 -8.71 24.02 -0.62
C LEU A 607 -9.28 23.08 0.44
N SER A 608 -9.22 23.47 1.71
CA SER A 608 -9.78 22.64 2.78
C SER A 608 -11.29 22.51 2.66
N GLN A 609 -11.97 23.55 2.15
CA GLN A 609 -13.41 23.43 1.96
C GLN A 609 -13.75 22.60 0.71
N ILE A 610 -12.88 22.62 -0.30
CA ILE A 610 -13.23 22.02 -1.59
C ILE A 610 -12.84 20.54 -1.64
N VAL A 611 -11.61 20.21 -1.24
CA VAL A 611 -11.09 18.86 -1.48
C VAL A 611 -11.93 17.77 -0.81
N PRO A 612 -12.31 17.87 0.46
CA PRO A 612 -13.15 16.81 1.05
C PRO A 612 -14.47 16.58 0.30
N LYS A 613 -15.09 17.65 -0.21
CA LYS A 613 -16.36 17.48 -0.92
C LYS A 613 -16.16 16.78 -2.25
N VAL A 614 -15.12 17.15 -3.00
CA VAL A 614 -14.89 16.55 -4.30
C VAL A 614 -14.15 15.22 -4.14
N ALA A 615 -14.19 14.41 -5.20
CA ALA A 615 -13.55 13.11 -5.18
C ALA A 615 -12.75 12.77 -6.43
N VAL A 616 -12.86 13.55 -7.50
CA VAL A 616 -12.17 13.26 -8.76
C VAL A 616 -11.23 14.42 -9.07
N PHE A 617 -9.96 14.10 -9.28
CA PHE A 617 -8.94 15.07 -9.67
C PHE A 617 -8.32 14.63 -10.99
N TYR A 618 -8.26 15.55 -11.95
CA TYR A 618 -7.69 15.28 -13.26
C TYR A 618 -6.66 16.34 -13.61
N ARG A 619 -5.65 15.93 -14.38
CA ARG A 619 -4.56 16.80 -14.81
C ARG A 619 -3.84 17.42 -13.61
N ALA A 620 -3.28 16.55 -12.77
CA ALA A 620 -2.61 16.96 -11.54
C ALA A 620 -1.12 16.68 -11.64
N SER A 621 -0.32 17.71 -11.38
CA SER A 621 1.12 17.60 -11.34
C SER A 621 1.55 16.92 -10.04
N PRO A 622 2.78 16.41 -9.97
CA PRO A 622 3.25 15.86 -8.69
C PRO A 622 3.15 16.85 -7.54
N ARG A 623 3.44 18.12 -7.79
CA ARG A 623 3.25 19.14 -6.76
C ARG A 623 1.78 19.28 -6.38
N HIS A 624 0.87 19.19 -7.36
CA HIS A 624 -0.55 19.23 -7.06
C HIS A 624 -0.97 18.05 -6.19
N LYS A 625 -0.45 16.85 -6.49
CA LYS A 625 -0.76 15.69 -5.67
C LYS A 625 -0.23 15.85 -4.25
N MET A 626 1.00 16.38 -4.12
CA MET A 626 1.55 16.61 -2.79
C MET A 626 0.73 17.64 -2.02
N LYS A 627 0.29 18.70 -2.70
CA LYS A 627 -0.54 19.70 -2.04
C LYS A 627 -1.89 19.12 -1.61
N ILE A 628 -2.48 18.27 -2.45
CA ILE A 628 -3.74 17.61 -2.08
C ILE A 628 -3.54 16.71 -0.87
N ILE A 629 -2.44 15.96 -0.85
CA ILE A 629 -2.13 15.09 0.28
C ILE A 629 -1.97 15.91 1.56
N LYS A 630 -1.24 17.03 1.48
CA LYS A 630 -1.04 17.87 2.65
C LYS A 630 -2.35 18.48 3.12
N SER A 631 -3.20 18.93 2.20
CA SER A 631 -4.50 19.48 2.57
C SER A 631 -5.37 18.44 3.24
N LEU A 632 -5.37 17.21 2.73
CA LEU A 632 -6.14 16.14 3.38
C LEU A 632 -5.59 15.83 4.76
N GLN A 633 -4.26 15.84 4.92
CA GLN A 633 -3.65 15.61 6.23
C GLN A 633 -3.94 16.75 7.20
N LYS A 634 -4.19 17.96 6.69
CA LYS A 634 -4.44 19.10 7.56
C LYS A 634 -5.71 18.90 8.39
N ASN A 635 -6.76 18.34 7.79
CA ASN A 635 -8.00 18.10 8.51
C ASN A 635 -7.88 17.03 9.59
N GLY A 636 -6.79 16.28 9.62
CA GLY A 636 -6.56 15.26 10.63
C GLY A 636 -6.89 13.85 10.20
N SER A 637 -7.58 13.67 9.08
CA SER A 637 -7.90 12.33 8.61
C SER A 637 -6.66 11.64 8.07
N VAL A 638 -6.59 10.33 8.28
CA VAL A 638 -5.49 9.51 7.77
C VAL A 638 -5.80 9.22 6.30
N VAL A 639 -4.93 9.67 5.41
CA VAL A 639 -5.16 9.58 3.97
C VAL A 639 -4.22 8.54 3.38
N ALA A 640 -4.76 7.64 2.55
CA ALA A 640 -3.98 6.63 1.85
C ALA A 640 -4.06 6.87 0.35
N MET A 641 -3.01 6.44 -0.35
CA MET A 641 -2.94 6.58 -1.80
C MET A 641 -2.17 5.40 -2.37
N THR A 642 -2.61 4.91 -3.52
CA THR A 642 -1.91 3.85 -4.25
C THR A 642 -1.61 4.35 -5.66
N GLY A 643 -0.43 3.99 -6.17
CA GLY A 643 -0.03 4.41 -7.49
C GLY A 643 1.19 3.67 -7.96
N ASP A 644 1.61 3.99 -9.20
CA ASP A 644 2.77 3.35 -9.80
C ASP A 644 3.66 4.34 -10.54
N GLY A 645 3.36 5.64 -10.47
CA GLY A 645 4.11 6.65 -11.18
C GLY A 645 5.01 7.45 -10.27
N VAL A 646 5.62 8.48 -10.83
CA VAL A 646 6.49 9.37 -10.09
C VAL A 646 5.71 10.41 -9.27
N ASN A 647 4.64 10.99 -9.83
CA ASN A 647 3.74 11.81 -9.04
C ASN A 647 3.11 10.98 -7.93
N ASP A 648 2.72 9.75 -8.25
CA ASP A 648 2.24 8.83 -7.22
C ASP A 648 3.32 8.58 -6.18
N ALA A 649 4.58 8.43 -6.61
CA ALA A 649 5.66 8.18 -5.67
C ALA A 649 5.83 9.34 -4.69
N VAL A 650 5.82 10.57 -5.21
CA VAL A 650 5.91 11.72 -4.31
C VAL A 650 4.67 11.86 -3.44
N ALA A 651 3.51 11.40 -3.92
CA ALA A 651 2.33 11.37 -3.07
C ALA A 651 2.50 10.42 -1.91
N LEU A 652 3.00 9.20 -2.16
CA LEU A 652 3.24 8.25 -1.08
C LEU A 652 4.31 8.76 -0.13
N LYS A 653 5.34 9.43 -0.66
CA LYS A 653 6.35 10.02 0.20
C LYS A 653 5.75 11.09 1.11
N ALA A 654 4.85 11.91 0.58
CA ALA A 654 4.19 12.90 1.42
C ALA A 654 3.14 12.27 2.33
N ALA A 655 2.60 11.12 1.94
CA ALA A 655 1.55 10.48 2.72
C ALA A 655 2.13 9.63 3.85
N ASP A 656 1.31 9.41 4.88
CA ASP A 656 1.73 8.58 6.00
C ASP A 656 1.94 7.13 5.57
N ILE A 657 1.05 6.62 4.72
CA ILE A 657 1.08 5.23 4.28
C ILE A 657 1.33 5.21 2.78
N GLY A 658 2.17 4.28 2.33
CA GLY A 658 2.50 4.16 0.93
C GLY A 658 2.29 2.76 0.39
N VAL A 659 1.39 2.62 -0.59
CA VAL A 659 1.10 1.35 -1.23
C VAL A 659 1.47 1.45 -2.70
N ALA A 660 2.26 0.48 -3.17
CA ALA A 660 2.76 0.45 -4.54
C ALA A 660 2.42 -0.88 -5.19
N MET A 661 2.78 -1.00 -6.47
CA MET A 661 2.55 -2.21 -7.25
C MET A 661 3.90 -2.80 -7.64
N GLY A 662 4.07 -4.10 -7.39
CA GLY A 662 5.35 -4.76 -7.64
C GLY A 662 5.60 -5.19 -9.06
N GLN A 663 4.61 -5.08 -9.95
CA GLN A 663 4.76 -5.49 -11.34
C GLN A 663 4.76 -4.31 -12.29
N THR A 664 3.73 -3.47 -12.25
CA THR A 664 3.64 -2.31 -13.12
C THR A 664 4.26 -1.06 -12.53
N GLY A 665 4.70 -1.11 -11.27
CA GLY A 665 5.31 0.05 -10.65
C GLY A 665 6.77 0.21 -11.03
N THR A 666 7.29 1.39 -10.71
CA THR A 666 8.68 1.73 -10.98
C THR A 666 9.52 1.62 -9.71
N ASP A 667 10.84 1.71 -9.89
CA ASP A 667 11.74 1.64 -8.74
C ASP A 667 11.54 2.83 -7.81
N VAL A 668 11.36 4.04 -8.37
CA VAL A 668 11.13 5.22 -7.54
C VAL A 668 9.84 5.07 -6.76
N CYS A 669 8.78 4.59 -7.41
CA CYS A 669 7.50 4.41 -6.72
C CYS A 669 7.61 3.37 -5.63
N LYS A 670 8.30 2.26 -5.89
CA LYS A 670 8.48 1.23 -4.88
C LYS A 670 9.30 1.72 -3.69
N GLU A 671 10.36 2.49 -3.94
CA GLU A 671 11.17 3.03 -2.84
C GLU A 671 10.37 4.05 -2.02
N ALA A 672 9.64 4.94 -2.70
CA ALA A 672 8.87 5.96 -2.01
C ALA A 672 7.74 5.37 -1.18
N ALA A 673 7.24 4.19 -1.56
CA ALA A 673 6.13 3.56 -0.85
C ALA A 673 6.64 2.89 0.42
N ASP A 674 5.75 2.19 1.11
CA ASP A 674 6.10 1.44 2.31
C ASP A 674 5.65 -0.01 2.28
N MET A 675 4.72 -0.37 1.39
CA MET A 675 4.39 -1.76 1.13
C MET A 675 4.28 -1.95 -0.38
N ILE A 676 4.69 -3.11 -0.87
CA ILE A 676 4.65 -3.44 -2.29
C ILE A 676 3.69 -4.62 -2.48
N LEU A 677 2.75 -4.46 -3.41
CA LEU A 677 1.80 -5.52 -3.74
C LEU A 677 2.33 -6.32 -4.92
N VAL A 678 2.36 -7.65 -4.77
CA VAL A 678 2.92 -8.50 -5.81
C VAL A 678 1.89 -8.80 -6.88
N ASP A 679 0.68 -9.18 -6.49
CA ASP A 679 -0.35 -9.59 -7.42
C ASP A 679 -1.28 -8.45 -7.81
N ASP A 680 -1.09 -7.25 -7.26
CA ASP A 680 -1.87 -6.07 -7.58
C ASP A 680 -3.34 -6.27 -7.21
N ASP A 681 -3.57 -6.55 -5.94
CA ASP A 681 -4.91 -6.77 -5.40
C ASP A 681 -5.22 -5.76 -4.30
N PHE A 682 -6.51 -5.62 -4.01
CA PHE A 682 -6.98 -4.85 -2.87
C PHE A 682 -7.47 -5.70 -1.71
N GLN A 683 -7.88 -6.95 -1.96
CA GLN A 683 -8.22 -7.85 -0.86
C GLN A 683 -7.08 -7.94 0.13
N THR A 684 -5.84 -7.90 -0.37
CA THR A 684 -4.68 -7.82 0.51
C THR A 684 -4.69 -6.54 1.34
N ILE A 685 -5.12 -5.43 0.75
CA ILE A 685 -5.15 -4.16 1.48
C ILE A 685 -6.15 -4.24 2.63
N MET A 686 -7.36 -4.75 2.37
CA MET A 686 -8.30 -4.88 3.47
C MET A 686 -7.94 -5.99 4.44
N SER A 687 -7.20 -7.02 4.00
CA SER A 687 -6.65 -7.98 4.95
C SER A 687 -5.66 -7.30 5.90
N ALA A 688 -4.83 -6.41 5.35
CA ALA A 688 -3.92 -5.63 6.20
C ALA A 688 -4.69 -4.74 7.16
N ILE A 689 -5.79 -4.14 6.69
CA ILE A 689 -6.62 -3.31 7.56
C ILE A 689 -7.18 -4.12 8.71
N GLU A 690 -7.70 -5.32 8.40
CA GLU A 690 -8.24 -6.18 9.45
C GLU A 690 -7.16 -6.62 10.42
N GLU A 691 -5.97 -6.96 9.90
CA GLU A 691 -4.86 -7.36 10.76
C GLU A 691 -4.44 -6.22 11.68
N GLY A 692 -4.39 -4.99 11.15
CA GLY A 692 -4.06 -3.85 11.98
C GLY A 692 -5.09 -3.60 13.06
N LYS A 693 -6.37 -3.73 12.72
CA LYS A 693 -7.43 -3.57 13.71
C LYS A 693 -7.30 -4.62 14.81
N GLY A 694 -7.04 -5.87 14.43
CA GLY A 694 -6.85 -6.91 15.43
C GLY A 694 -5.63 -6.68 16.29
N ILE A 695 -4.54 -6.19 15.69
CA ILE A 695 -3.33 -5.88 16.45
C ILE A 695 -3.61 -4.77 17.45
N TYR A 696 -4.34 -3.74 17.03
CA TYR A 696 -4.69 -2.65 17.94
C TYR A 696 -5.55 -3.15 19.09
N ASN A 697 -6.53 -4.01 18.79
CA ASN A 697 -7.37 -4.56 19.85
C ASN A 697 -6.56 -5.39 20.84
N ASN A 698 -5.65 -6.23 20.33
CA ASN A 698 -4.80 -7.03 21.22
C ASN A 698 -3.91 -6.14 22.07
N ILE A 699 -3.34 -5.09 21.47
CA ILE A 699 -2.49 -4.17 22.23
C ILE A 699 -3.30 -3.49 23.32
N LYS A 700 -4.51 -3.05 23.00
CA LYS A 700 -5.36 -2.41 24.01
C LYS A 700 -5.66 -3.37 25.16
N ASN A 701 -6.04 -4.61 24.84
CA ASN A 701 -6.36 -5.58 25.89
C ASN A 701 -5.14 -5.88 26.75
N PHE A 702 -3.98 -6.10 26.14
CA PHE A 702 -2.77 -6.39 26.90
C PHE A 702 -2.37 -5.21 27.76
N VAL A 703 -2.48 -3.98 27.23
CA VAL A 703 -2.13 -2.80 28.00
C VAL A 703 -3.05 -2.67 29.21
N ARG A 704 -4.36 -2.88 29.01
CA ARG A 704 -5.29 -2.79 30.12
C ARG A 704 -4.97 -3.83 31.19
N PHE A 705 -4.75 -5.08 30.79
CA PHE A 705 -4.47 -6.13 31.75
C PHE A 705 -3.18 -5.86 32.51
N GLN A 706 -2.12 -5.48 31.80
CA GLN A 706 -0.83 -5.27 32.45
C GLN A 706 -0.88 -4.06 33.38
N LEU A 707 -1.56 -2.99 32.96
CA LEU A 707 -1.71 -1.82 33.82
C LEU A 707 -2.48 -2.17 35.09
N SER A 708 -3.58 -2.91 34.96
CA SER A 708 -4.35 -3.29 36.14
C SER A 708 -3.52 -4.16 37.08
N THR A 709 -2.81 -5.15 36.53
CA THR A 709 -1.99 -6.02 37.36
C THR A 709 -0.88 -5.25 38.07
N SER A 710 -0.20 -4.37 37.33
CA SER A 710 0.88 -3.58 37.92
C SER A 710 0.35 -2.65 39.01
N ILE A 711 -0.79 -2.00 38.76
CA ILE A 711 -1.35 -1.11 39.76
C ILE A 711 -1.73 -1.87 41.02
N ALA A 712 -2.39 -3.02 40.86
CA ALA A 712 -2.78 -3.81 42.03
C ALA A 712 -1.55 -4.28 42.80
N ALA A 713 -0.53 -4.79 42.11
CA ALA A 713 0.66 -5.29 42.78
C ALA A 713 1.40 -4.16 43.50
N LEU A 714 1.54 -3.00 42.86
CA LEU A 714 2.22 -1.88 43.49
C LEU A 714 1.45 -1.38 44.71
N THR A 715 0.13 -1.30 44.60
CA THR A 715 -0.67 -0.87 45.75
C THR A 715 -0.53 -1.85 46.91
N LEU A 716 -0.57 -3.15 46.62
CA LEU A 716 -0.44 -4.15 47.67
C LEU A 716 0.94 -4.08 48.33
N ILE A 717 1.99 -3.95 47.52
CA ILE A 717 3.34 -3.87 48.07
C ILE A 717 3.51 -2.62 48.92
N SER A 718 3.01 -1.47 48.44
CA SER A 718 3.11 -0.25 49.21
C SER A 718 2.35 -0.34 50.52
N LEU A 719 1.15 -0.91 50.50
CA LEU A 719 0.38 -1.08 51.73
C LEU A 719 1.07 -2.03 52.70
N ALA A 720 1.65 -3.12 52.20
CA ALA A 720 2.35 -4.05 53.08
C ALA A 720 3.58 -3.42 53.70
N THR A 721 4.37 -2.68 52.91
CA THR A 721 5.58 -2.06 53.43
C THR A 721 5.24 -0.89 54.35
N LEU A 722 4.08 -0.26 54.16
CA LEU A 722 3.74 0.94 54.91
C LEU A 722 3.62 0.68 56.40
N MET A 723 2.98 -0.43 56.80
CA MET A 723 2.65 -0.66 58.20
C MET A 723 3.24 -1.99 58.66
N ASN A 724 4.04 -1.93 59.72
CA ASN A 724 4.48 -3.10 60.48
C ASN A 724 5.20 -4.14 59.61
N PHE A 725 4.47 -5.17 59.20
CA PHE A 725 5.00 -6.37 58.54
C PHE A 725 5.79 -6.01 57.28
N PRO A 726 7.12 -6.15 57.32
CA PRO A 726 7.92 -5.87 56.13
C PRO A 726 8.03 -7.04 55.18
N ASN A 727 7.46 -6.91 53.98
CA ASN A 727 7.57 -7.90 52.90
C ASN A 727 7.18 -9.30 53.37
N PRO A 728 5.89 -9.58 53.58
CA PRO A 728 5.45 -10.90 54.02
C PRO A 728 5.37 -11.94 52.90
N LEU A 729 6.43 -12.00 52.10
CA LEU A 729 6.52 -12.96 51.01
C LEU A 729 7.98 -13.29 50.76
N ASN A 730 8.25 -14.55 50.42
CA ASN A 730 9.62 -14.99 50.19
C ASN A 730 10.09 -14.58 48.80
N ALA A 731 11.41 -14.71 48.59
CA ALA A 731 12.00 -14.34 47.30
C ALA A 731 11.49 -15.23 46.17
N MET A 732 11.36 -16.54 46.44
CA MET A 732 10.88 -17.46 45.42
C MET A 732 9.44 -17.15 45.03
N GLN A 733 8.60 -16.82 46.00
CA GLN A 733 7.22 -16.44 45.70
C GLN A 733 7.17 -15.17 44.86
N ILE A 734 8.00 -14.18 45.19
CA ILE A 734 8.05 -12.95 44.41
C ILE A 734 8.50 -13.24 42.98
N LEU A 735 9.51 -14.08 42.82
CA LEU A 735 9.99 -14.42 41.48
C LEU A 735 8.92 -15.14 40.68
N TRP A 736 8.21 -16.08 41.29
CA TRP A 736 7.15 -16.80 40.58
C TRP A 736 6.00 -15.87 40.23
N ILE A 737 5.67 -14.92 41.11
CA ILE A 737 4.64 -13.95 40.81
C ILE A 737 5.05 -13.09 39.62
N ASN A 738 6.30 -12.62 39.63
CA ASN A 738 6.80 -11.81 38.52
C ASN A 738 6.80 -12.59 37.21
N ILE A 739 7.07 -13.89 37.28
CA ILE A 739 7.03 -14.72 36.08
C ILE A 739 5.61 -14.81 35.53
N ILE A 740 4.62 -14.96 36.41
CA ILE A 740 3.25 -15.22 35.96
C ILE A 740 2.66 -14.01 35.25
N MET A 741 2.78 -12.83 35.85
CA MET A 741 2.12 -11.65 35.31
C MET A 741 2.77 -11.19 34.01
N ASP A 742 4.10 -11.13 33.97
CA ASP A 742 4.83 -10.62 32.82
C ASP A 742 5.45 -11.74 31.98
N GLY A 743 4.81 -12.90 31.91
CA GLY A 743 5.37 -14.02 31.19
C GLY A 743 4.44 -14.62 30.14
N PRO A 744 4.36 -15.94 30.12
CA PRO A 744 3.56 -16.64 29.11
C PRO A 744 2.10 -16.20 29.10
N PRO A 745 1.47 -15.94 30.25
CA PRO A 745 0.12 -15.37 30.18
C PRO A 745 0.07 -14.04 29.45
N ALA A 746 1.05 -13.17 29.68
CA ALA A 746 1.07 -11.89 28.99
C ALA A 746 1.28 -12.07 27.48
N GLN A 747 2.18 -12.96 27.10
CA GLN A 747 2.40 -13.21 25.67
C GLN A 747 1.17 -13.82 25.01
N SER A 748 0.49 -14.74 25.69
CA SER A 748 -0.73 -15.34 25.15
C SER A 748 -1.84 -14.30 25.02
N LEU A 749 -1.97 -13.40 25.99
CA LEU A 749 -2.95 -12.33 25.86
C LEU A 749 -2.61 -11.39 24.71
N GLY A 750 -1.32 -11.11 24.50
CA GLY A 750 -0.91 -10.26 23.40
C GLY A 750 -1.02 -10.92 22.05
N VAL A 751 -1.07 -12.26 22.00
CA VAL A 751 -1.17 -13.00 20.75
C VAL A 751 -2.61 -13.35 20.40
N GLU A 752 -3.59 -12.67 21.03
CA GLU A 752 -4.99 -12.97 20.80
C GLU A 752 -5.33 -12.81 19.31
N PRO A 753 -6.12 -13.72 18.73
CA PRO A 753 -6.41 -13.64 17.29
C PRO A 753 -7.37 -12.50 16.94
N VAL A 754 -7.74 -12.42 15.67
CA VAL A 754 -8.57 -11.33 15.17
C VAL A 754 -10.04 -11.75 15.27
N ASP A 755 -10.85 -10.90 15.89
CA ASP A 755 -12.28 -11.17 16.01
C ASP A 755 -13.01 -10.77 14.74
N LYS A 756 -14.15 -11.43 14.51
CA LYS A 756 -14.96 -11.17 13.33
C LYS A 756 -15.82 -9.91 13.45
N ASP A 757 -15.94 -9.34 14.65
CA ASP A 757 -16.74 -8.14 14.86
C ASP A 757 -15.92 -6.87 14.98
N VAL A 758 -14.64 -6.98 15.38
CA VAL A 758 -13.79 -5.81 15.52
C VAL A 758 -13.29 -5.28 14.18
N ILE A 759 -13.45 -6.05 13.11
CA ILE A 759 -12.99 -5.65 11.78
C ILE A 759 -14.13 -5.12 10.93
N ARG A 760 -15.34 -5.06 11.47
CA ARG A 760 -16.50 -4.50 10.78
C ARG A 760 -16.96 -3.21 11.44
N LYS A 761 -16.00 -2.41 11.90
CA LYS A 761 -16.24 -1.17 12.62
C LYS A 761 -15.72 0.02 11.82
N PRO A 762 -16.27 1.22 12.03
CA PRO A 762 -15.74 2.39 11.34
C PRO A 762 -14.31 2.68 11.77
N PRO A 763 -13.51 3.32 10.92
CA PRO A 763 -12.10 3.55 11.26
C PRO A 763 -11.93 4.41 12.50
N ARG A 764 -10.87 4.12 13.25
CA ARG A 764 -10.60 4.84 14.48
C ARG A 764 -10.27 6.30 14.21
N ASN A 765 -10.80 7.19 15.04
CA ASN A 765 -10.56 8.62 14.88
C ASN A 765 -9.11 8.95 15.23
N TRP A 766 -8.66 10.11 14.71
CA TRP A 766 -7.29 10.54 14.95
C TRP A 766 -7.04 10.84 16.42
N LYS A 767 -8.01 11.47 17.10
CA LYS A 767 -7.85 11.87 18.49
C LYS A 767 -8.02 10.71 19.47
N ASP A 768 -8.47 9.55 19.01
CA ASP A 768 -8.64 8.41 19.89
C ASP A 768 -7.29 7.87 20.35
N SER A 769 -7.18 7.55 21.63
CA SER A 769 -5.97 7.03 22.23
C SER A 769 -6.24 5.69 22.90
N ILE A 770 -5.17 4.97 23.21
CA ILE A 770 -5.29 3.66 23.84
C ILE A 770 -5.89 3.78 25.23
N LEU A 771 -5.41 4.74 26.01
CA LEU A 771 -5.87 4.93 27.39
C LEU A 771 -7.11 5.83 27.38
N THR A 772 -8.28 5.21 27.52
CA THR A 772 -9.55 5.91 27.57
C THR A 772 -10.10 5.86 28.99
N LYS A 773 -11.19 6.61 29.21
CA LYS A 773 -11.80 6.65 30.53
C LYS A 773 -12.43 5.32 30.92
N ASN A 774 -13.05 4.61 29.97
CA ASN A 774 -13.64 3.31 30.28
C ASN A 774 -12.56 2.29 30.67
N LEU A 775 -11.45 2.27 29.93
CA LEU A 775 -10.36 1.36 30.26
C LEU A 775 -9.77 1.68 31.62
N ILE A 776 -9.59 2.97 31.92
CA ILE A 776 -9.06 3.37 33.22
C ILE A 776 -10.00 2.96 34.34
N LEU A 777 -11.31 3.16 34.14
CA LEU A 777 -12.28 2.78 35.16
C LEU A 777 -12.29 1.26 35.38
N LYS A 778 -12.22 0.49 34.30
CA LYS A 778 -12.18 -0.97 34.44
C LYS A 778 -10.91 -1.41 35.16
N ILE A 779 -9.78 -0.81 34.81
CA ILE A 779 -8.51 -1.15 35.46
C ILE A 779 -8.60 -0.84 36.96
N LEU A 780 -9.14 0.33 37.31
CA LEU A 780 -9.27 0.70 38.72
C LEU A 780 -10.19 -0.26 39.45
N VAL A 781 -11.33 -0.61 38.85
CA VAL A 781 -12.27 -1.52 39.50
C VAL A 781 -11.63 -2.87 39.76
N SER A 782 -10.95 -3.41 38.74
CA SER A 782 -10.28 -4.70 38.90
C SER A 782 -9.20 -4.63 39.98
N SER A 783 -8.41 -3.55 39.98
CA SER A 783 -7.35 -3.41 40.97
C SER A 783 -7.91 -3.34 42.39
N ILE A 784 -8.95 -2.54 42.60
CA ILE A 784 -9.52 -2.42 43.94
C ILE A 784 -10.15 -3.74 44.38
N ILE A 785 -10.80 -4.47 43.45
CA ILE A 785 -11.38 -5.75 43.83
C ILE A 785 -10.28 -6.73 44.22
N ILE A 786 -9.20 -6.79 43.44
CA ILE A 786 -8.11 -7.73 43.73
C ILE A 786 -7.46 -7.40 45.07
N VAL A 787 -7.17 -6.11 45.30
CA VAL A 787 -6.51 -5.74 46.55
C VAL A 787 -7.46 -5.93 47.73
N CYS A 788 -8.76 -5.73 47.54
CA CYS A 788 -9.71 -5.98 48.63
C CYS A 788 -9.74 -7.46 49.00
N GLY A 789 -9.76 -8.33 47.98
CA GLY A 789 -9.75 -9.76 48.28
C GLY A 789 -8.47 -10.19 48.98
N THR A 790 -7.32 -9.75 48.47
CA THR A 790 -6.05 -10.08 49.10
C THR A 790 -5.94 -9.51 50.51
N LEU A 791 -6.39 -8.29 50.74
CA LEU A 791 -6.36 -7.69 52.06
C LEU A 791 -7.30 -8.42 53.02
N PHE A 792 -8.46 -8.87 52.55
CA PHE A 792 -9.34 -9.66 53.40
C PHE A 792 -8.71 -10.99 53.77
N VAL A 793 -8.04 -11.66 52.82
CA VAL A 793 -7.36 -12.91 53.15
C VAL A 793 -6.26 -12.67 54.18
N PHE A 794 -5.45 -11.62 53.96
CA PHE A 794 -4.39 -11.32 54.91
C PHE A 794 -4.95 -10.89 56.25
N TRP A 795 -6.13 -10.26 56.26
CA TRP A 795 -6.77 -9.88 57.52
C TRP A 795 -7.22 -11.11 58.29
N ARG A 796 -7.80 -12.11 57.61
CA ARG A 796 -8.15 -13.35 58.29
C ARG A 796 -6.90 -14.03 58.84
N GLU A 797 -5.81 -14.01 58.07
CA GLU A 797 -4.59 -14.67 58.51
C GLU A 797 -3.89 -13.93 59.65
N LEU A 798 -4.00 -12.59 59.71
CA LEU A 798 -3.50 -11.83 60.84
C LEU A 798 -4.39 -11.96 62.07
N ARG A 799 -5.70 -12.12 61.88
CA ARG A 799 -6.59 -12.45 62.99
C ARG A 799 -6.29 -13.83 63.54
N ASP A 800 -5.81 -14.75 62.70
CA ASP A 800 -5.27 -16.01 63.22
C ASP A 800 -4.08 -15.77 64.13
N ASN A 801 -3.36 -14.67 63.93
CA ASN A 801 -2.28 -14.23 64.80
C ASN A 801 -1.13 -15.23 64.86
N VAL A 802 -0.94 -16.00 63.78
CA VAL A 802 0.16 -16.95 63.66
C VAL A 802 0.81 -16.77 62.30
N ILE A 803 2.13 -16.83 62.27
CA ILE A 803 2.90 -16.75 61.02
C ILE A 803 3.61 -18.09 60.85
N THR A 804 2.96 -19.01 60.16
CA THR A 804 3.48 -20.35 59.91
C THR A 804 3.31 -20.67 58.43
N PRO A 805 4.19 -20.13 57.57
CA PRO A 805 4.00 -20.17 56.10
C PRO A 805 2.61 -20.31 55.50
N ARG A 806 1.58 -20.64 56.29
CA ARG A 806 0.22 -20.72 55.77
C ARG A 806 -0.24 -19.37 55.24
N ASP A 807 0.08 -18.29 55.96
CA ASP A 807 -0.27 -16.96 55.49
C ASP A 807 0.38 -16.66 54.15
N THR A 808 1.68 -16.96 54.04
CA THR A 808 2.42 -16.68 52.81
C THR A 808 1.86 -17.48 51.64
N THR A 809 1.60 -18.78 51.84
CA THR A 809 1.09 -19.58 50.73
C THR A 809 -0.34 -19.20 50.36
N MET A 810 -1.17 -18.83 51.34
CA MET A 810 -2.52 -18.38 51.03
C MET A 810 -2.49 -17.09 50.21
N THR A 811 -1.64 -16.14 50.62
CA THR A 811 -1.50 -14.91 49.83
C THR A 811 -0.96 -15.19 48.44
N PHE A 812 0.02 -16.09 48.32
CA PHE A 812 0.58 -16.43 47.02
C PHE A 812 -0.47 -17.02 46.09
N THR A 813 -1.23 -18.01 46.57
CA THR A 813 -2.28 -18.60 45.76
C THR A 813 -3.39 -17.61 45.44
N CYS A 814 -3.78 -16.76 46.39
CA CYS A 814 -4.81 -15.76 46.11
C CYS A 814 -4.36 -14.80 45.01
N PHE A 815 -3.11 -14.33 45.10
CA PHE A 815 -2.60 -13.44 44.07
C PHE A 815 -2.51 -14.12 42.71
N VAL A 816 -2.05 -15.39 42.68
CA VAL A 816 -1.96 -16.10 41.41
C VAL A 816 -3.34 -16.27 40.79
N PHE A 817 -4.32 -16.69 41.58
CA PHE A 817 -5.67 -16.87 41.07
C PHE A 817 -6.28 -15.55 40.61
N PHE A 818 -6.03 -14.46 41.36
CA PHE A 818 -6.52 -13.15 40.94
C PHE A 818 -5.92 -12.74 39.60
N ASP A 819 -4.61 -12.97 39.43
CA ASP A 819 -3.98 -12.65 38.15
C ASP A 819 -4.57 -13.48 37.02
N MET A 820 -4.79 -14.78 37.25
CA MET A 820 -5.36 -15.63 36.21
C MET A 820 -6.77 -15.17 35.84
N PHE A 821 -7.59 -14.84 36.83
CA PHE A 821 -8.95 -14.40 36.52
C PHE A 821 -8.96 -13.03 35.85
N ASN A 822 -8.04 -12.15 36.23
CA ASN A 822 -7.93 -10.86 35.54
C ASN A 822 -7.53 -11.05 34.08
N ALA A 823 -6.59 -11.96 33.82
CA ALA A 823 -6.20 -12.25 32.44
C ALA A 823 -7.38 -12.84 31.65
N LEU A 824 -8.12 -13.75 32.26
CA LEU A 824 -9.29 -14.33 31.58
C LEU A 824 -10.33 -13.26 31.28
N SER A 825 -10.55 -12.34 32.22
CA SER A 825 -11.48 -11.24 31.99
C SER A 825 -10.99 -10.32 30.87
N SER A 826 -9.70 -10.04 30.82
CA SER A 826 -9.12 -9.14 29.83
C SER A 826 -8.84 -9.82 28.50
N ARG A 827 -9.14 -11.12 28.39
CA ARG A 827 -9.04 -11.80 27.11
C ARG A 827 -9.82 -11.08 26.02
N SER A 828 -10.97 -10.49 26.37
CA SER A 828 -11.75 -9.70 25.45
C SER A 828 -12.33 -8.50 26.20
N GLN A 829 -12.55 -7.41 25.46
CA GLN A 829 -13.09 -6.18 26.04
C GLN A 829 -14.54 -5.91 25.66
N THR A 830 -15.03 -6.49 24.57
CA THR A 830 -16.40 -6.31 24.13
C THR A 830 -17.22 -7.58 24.24
N LYS A 831 -16.73 -8.69 23.70
CA LYS A 831 -17.45 -9.96 23.79
C LYS A 831 -17.33 -10.53 25.20
N SER A 832 -18.32 -11.35 25.56
CA SER A 832 -18.34 -11.98 26.87
C SER A 832 -17.38 -13.17 26.90
N VAL A 833 -17.29 -13.82 28.05
CA VAL A 833 -16.42 -14.98 28.20
C VAL A 833 -16.91 -16.13 27.31
N PHE A 834 -18.22 -16.37 27.31
CA PHE A 834 -18.78 -17.47 26.53
C PHE A 834 -19.24 -17.00 25.15
N GLU A 835 -18.37 -16.26 24.47
CA GLU A 835 -18.64 -15.81 23.11
C GLU A 835 -17.46 -16.00 22.16
N ILE A 836 -16.25 -16.26 22.65
CA ILE A 836 -15.09 -16.46 21.79
C ILE A 836 -14.56 -17.88 21.83
N GLY A 837 -15.01 -18.71 22.78
CA GLY A 837 -14.54 -20.07 22.89
C GLY A 837 -13.58 -20.26 24.05
N LEU A 838 -13.84 -21.26 24.90
CA LEU A 838 -12.97 -21.51 26.04
C LEU A 838 -11.56 -21.92 25.61
N CYS A 839 -11.44 -22.77 24.59
CA CYS A 839 -10.13 -23.16 24.08
C CYS A 839 -9.39 -21.95 23.51
N SER A 840 -9.94 -21.35 22.46
CA SER A 840 -9.37 -20.18 21.81
C SER A 840 -7.89 -20.37 21.51
N ASN A 841 -7.03 -19.80 22.35
CA ASN A 841 -5.59 -19.91 22.15
C ASN A 841 -5.06 -21.17 22.84
N ARG A 842 -4.47 -22.07 22.04
CA ARG A 842 -3.87 -23.26 22.62
C ARG A 842 -2.67 -22.91 23.49
N MET A 843 -1.90 -21.88 23.10
CA MET A 843 -0.77 -21.46 23.91
C MET A 843 -1.21 -20.96 25.27
N PHE A 844 -2.32 -20.20 25.32
CA PHE A 844 -2.84 -19.73 26.60
C PHE A 844 -3.25 -20.90 27.49
N CYS A 845 -3.93 -21.90 26.92
CA CYS A 845 -4.32 -23.07 27.71
C CYS A 845 -3.10 -23.82 28.22
N TYR A 846 -2.09 -23.99 27.36
CA TYR A 846 -0.86 -24.67 27.79
C TYR A 846 -0.18 -23.90 28.92
N ALA A 847 -0.11 -22.57 28.80
CA ALA A 847 0.54 -21.76 29.82
C ALA A 847 -0.21 -21.83 31.15
N VAL A 848 -1.53 -21.73 31.12
CA VAL A 848 -2.28 -21.76 32.37
C VAL A 848 -2.22 -23.15 32.99
N LEU A 849 -2.27 -24.21 32.18
CA LEU A 849 -2.14 -25.56 32.73
C LEU A 849 -0.77 -25.78 33.36
N GLY A 850 0.29 -25.32 32.70
CA GLY A 850 1.61 -25.46 33.26
C GLY A 850 1.78 -24.68 34.55
N SER A 851 1.27 -23.43 34.58
CA SER A 851 1.38 -22.63 35.79
C SER A 851 0.58 -23.24 36.93
N ILE A 852 -0.62 -23.75 36.65
CA ILE A 852 -1.43 -24.33 37.71
C ILE A 852 -0.81 -25.63 38.22
N MET A 853 -0.21 -26.45 37.35
CA MET A 853 0.45 -27.66 37.85
C MET A 853 1.72 -27.31 38.62
N GLY A 854 2.43 -26.25 38.22
CA GLY A 854 3.56 -25.79 39.01
C GLY A 854 3.15 -25.30 40.38
N GLN A 855 2.04 -24.57 40.45
CA GLN A 855 1.52 -24.13 41.75
C GLN A 855 1.12 -25.33 42.61
N LEU A 856 0.45 -26.32 42.01
CA LEU A 856 0.07 -27.51 42.75
C LEU A 856 1.29 -28.25 43.29
N LEU A 857 2.33 -28.38 42.47
CA LEU A 857 3.57 -29.01 42.93
C LEU A 857 4.24 -28.20 44.04
N VAL A 858 4.22 -26.87 43.91
CA VAL A 858 4.85 -26.02 44.92
C VAL A 858 4.14 -26.16 46.26
N ILE A 859 2.81 -26.15 46.26
CA ILE A 859 2.06 -26.24 47.52
C ILE A 859 1.82 -27.67 47.96
N TYR A 860 2.23 -28.67 47.18
CA TYR A 860 2.00 -30.07 47.53
C TYR A 860 3.29 -30.85 47.75
N PHE A 861 4.26 -30.74 46.86
CA PHE A 861 5.50 -31.52 46.98
C PHE A 861 6.32 -31.00 48.16
N PRO A 862 6.71 -31.86 49.10
CA PRO A 862 7.47 -31.41 50.28
C PRO A 862 8.76 -30.68 49.90
N PRO A 863 9.50 -31.12 48.88
CA PRO A 863 10.70 -30.34 48.50
C PRO A 863 10.38 -28.93 48.04
N LEU A 864 9.43 -28.80 47.09
CA LEU A 864 9.05 -27.48 46.62
C LEU A 864 8.36 -26.66 47.71
N GLN A 865 7.60 -27.34 48.59
CA GLN A 865 6.99 -26.63 49.71
C GLN A 865 8.03 -26.05 50.65
N LYS A 866 9.09 -26.81 50.95
CA LYS A 866 10.17 -26.29 51.78
C LYS A 866 10.96 -25.19 51.06
N VAL A 867 11.16 -25.32 49.75
CA VAL A 867 11.88 -24.31 48.99
C VAL A 867 11.11 -22.99 49.00
N PHE A 868 9.80 -23.05 48.76
CA PHE A 868 8.97 -21.86 48.70
C PHE A 868 8.40 -21.47 50.06
N GLN A 869 8.64 -22.25 51.10
CA GLN A 869 8.14 -22.00 52.45
C GLN A 869 6.62 -21.87 52.45
N THR A 870 5.97 -22.97 52.07
CA THR A 870 4.52 -23.06 52.02
C THR A 870 4.03 -24.17 52.96
N GLU A 871 2.73 -24.36 52.99
CA GLU A 871 2.10 -25.38 53.83
C GLU A 871 1.08 -26.15 53.00
N SER A 872 0.36 -27.06 53.65
CA SER A 872 -0.63 -27.89 53.00
C SER A 872 -1.99 -27.21 53.03
N LEU A 873 -2.69 -27.27 51.90
CA LEU A 873 -4.03 -26.69 51.77
C LEU A 873 -5.03 -27.78 51.45
N SER A 874 -6.17 -27.74 52.14
CA SER A 874 -7.21 -28.74 51.95
C SER A 874 -8.08 -28.40 50.74
N ILE A 875 -9.01 -29.28 50.42
CA ILE A 875 -9.89 -29.07 49.26
C ILE A 875 -10.85 -27.93 49.51
N LEU A 876 -11.39 -27.82 50.74
CA LEU A 876 -12.34 -26.77 51.04
C LEU A 876 -11.69 -25.39 50.92
N ASP A 877 -10.47 -25.24 51.43
CA ASP A 877 -9.77 -23.96 51.32
C ASP A 877 -9.50 -23.60 49.86
N LEU A 878 -9.08 -24.58 49.06
CA LEU A 878 -8.84 -24.32 47.64
C LEU A 878 -10.12 -23.91 46.92
N LEU A 879 -11.24 -24.59 47.23
CA LEU A 879 -12.51 -24.22 46.62
C LEU A 879 -12.95 -22.82 47.04
N PHE A 880 -12.78 -22.48 48.31
CA PHE A 880 -13.17 -21.15 48.78
C PHE A 880 -12.31 -20.09 48.10
N LEU A 881 -11.01 -20.36 47.97
CA LEU A 881 -10.12 -19.43 47.27
C LEU A 881 -10.54 -19.25 45.82
N LEU A 882 -10.88 -20.36 45.14
CA LEU A 882 -11.31 -20.26 43.76
C LEU A 882 -12.59 -19.44 43.62
N GLY A 883 -13.54 -19.65 44.53
CA GLY A 883 -14.78 -18.89 44.51
C GLY A 883 -14.60 -17.42 44.82
N LEU A 884 -13.74 -17.10 45.79
CA LEU A 884 -13.56 -15.72 46.20
C LEU A 884 -12.84 -14.91 45.14
N THR A 885 -11.77 -15.46 44.56
CA THR A 885 -11.05 -14.78 43.49
C THR A 885 -11.73 -14.98 42.15
N SER A 886 -13.03 -14.67 42.11
CA SER A 886 -13.81 -14.71 40.88
C SER A 886 -14.68 -13.46 40.72
N SER A 887 -14.69 -12.56 41.70
CA SER A 887 -15.47 -11.34 41.61
C SER A 887 -15.00 -10.44 40.48
N VAL A 888 -13.70 -10.44 40.17
CA VAL A 888 -13.20 -9.63 39.06
C VAL A 888 -13.84 -10.07 37.76
N CYS A 889 -13.84 -11.39 37.50
CA CYS A 889 -14.45 -11.92 36.29
C CYS A 889 -15.96 -11.67 36.27
N ILE A 890 -16.62 -11.89 37.41
CA ILE A 890 -18.07 -11.71 37.46
C ILE A 890 -18.45 -10.26 37.23
N VAL A 891 -17.76 -9.34 37.91
CA VAL A 891 -18.05 -7.91 37.75
C VAL A 891 -17.75 -7.46 36.32
N ALA A 892 -16.62 -7.92 35.76
CA ALA A 892 -16.29 -7.55 34.39
C ALA A 892 -17.32 -8.06 33.40
N GLU A 893 -17.79 -9.30 33.57
CA GLU A 893 -18.81 -9.84 32.69
C GLU A 893 -20.13 -9.09 32.85
N ILE A 894 -20.50 -8.72 34.07
CA ILE A 894 -21.72 -7.94 34.28
C ILE A 894 -21.61 -6.59 33.58
N ILE A 895 -20.46 -5.93 33.71
CA ILE A 895 -20.26 -4.64 33.05
C ILE A 895 -20.32 -4.79 31.53
N LYS A 896 -19.69 -5.84 31.00
CA LYS A 896 -19.72 -6.08 29.57
C LYS A 896 -21.14 -6.34 29.07
N LYS A 897 -21.91 -7.13 29.82
CA LYS A 897 -23.30 -7.39 29.44
C LYS A 897 -24.13 -6.13 29.48
N VAL A 898 -23.93 -5.29 30.50
CA VAL A 898 -24.67 -4.03 30.60
C VAL A 898 -24.32 -3.12 29.42
N GLU A 899 -23.03 -3.03 29.08
CA GLU A 899 -22.62 -2.21 27.95
C GLU A 899 -23.20 -2.73 26.64
N ARG A 900 -23.19 -4.05 26.45
CA ARG A 900 -23.76 -4.63 25.24
C ARG A 900 -25.26 -4.36 25.15
N SER A 901 -25.95 -4.41 26.26
CA SER A 901 -27.35 -4.19 26.15
C SER A 901 -27.46 -2.81 25.67
N ARG A 902 -26.96 -1.90 26.48
CA ARG A 902 -27.16 -0.52 26.14
C ARG A 902 -26.70 -0.18 24.76
N GLU A 903 -25.63 -0.80 24.30
CA GLU A 903 -25.24 -0.51 22.94
C GLU A 903 -26.46 -0.50 22.01
N LYS A 904 -26.97 -1.67 21.66
CA LYS A 904 -28.08 -1.72 20.71
C LYS A 904 -29.20 -0.89 21.25
N ILE A 905 -29.53 -1.11 22.51
CA ILE A 905 -30.70 -0.42 23.01
C ILE A 905 -30.60 1.05 22.61
BE BEF B . -1.77 7.92 -12.52
F1 BEF B . -0.75 6.93 -13.09
F2 BEF B . -2.98 8.16 -13.48
F3 BEF B . -1.10 9.29 -12.30
MG MG C . 0.02 5.37 -12.82
#